data_1URC
#
_entry.id   1URC
#
_cell.length_a   73.630
_cell.length_b   113.510
_cell.length_c   155.460
_cell.angle_alpha   90.00
_cell.angle_beta   90.00
_cell.angle_gamma   90.00
#
_symmetry.space_group_name_H-M   'P 21 21 21'
#
loop_
_entity.id
_entity.type
_entity.pdbx_description
1 polymer 'CELL DIVISION PROTEIN KINASE 2'
2 polymer 'CYCLIN A2'
3 polymer 'PEPTIDE INHIBITOR'
4 water water
#
loop_
_entity_poly.entity_id
_entity_poly.type
_entity_poly.pdbx_seq_one_letter_code
_entity_poly.pdbx_strand_id
1 'polypeptide(L)'
;MENFQKVEKIGEGTYGVVYKARNKLTGEVVALKKIRLDTETEGVPSTAIREISLLKELNHPNIVKLLDVIHTENKLYLVF
EFLHQDLKKFMDASALTGIPLPLIKSYLFQLLQGLAFCHSHRVLHRDLKPQNLLINTEGAIKLADFGLARAFGVPVRTYT
HEVVTLWYRAPEILLGCKYYSTAVDIWSLGCIFAEMVTRRALFPGDSEIDQLFRIFRTLGTPDEVVWPGVTSMPDYKPSF
PKWARQDFSKVVPPLDEDGRSLLSQMLHYDPNKRISAKAALAHPFFQDVTKPVPHLRL
;
A,C
2 'polypeptide(L)'
;NEVPDYHEDIHTYLREMEVKCKPKVGYMKKQPDITNSMRAILVDWLVEVGEEYKLQNETLHLAVNYIDRFLSSMSVLRGK
LQLVGTAAMLLASKFEEIYPPEVAEFVYITDDTYTKKQVLRMEHLVLKVLTFDLAAPTVNQFLTQYFLHQQPANCKVESL
AMFLGELSLIDADPYLKYLPSVIAGAAFHLALYTVTGQSWPESLIRKTGYTLESLKPCLMDLHQTYLKAPQHAQQSIREK
YKNSKYHGVSLLNPPETLNL
;
B,D
3 'polypeptide(L)' (ACE)RKLFG E,F
#
loop_
_chem_comp.id
_chem_comp.type
_chem_comp.name
_chem_comp.formula
ACE non-polymer 'ACETYL GROUP' 'C2 H4 O'
#
# COMPACT_ATOMS: atom_id res chain seq x y z
N MET A 1 -7.17 -16.51 9.35
CA MET A 1 -7.81 -17.87 9.18
C MET A 1 -8.59 -18.48 10.38
N GLU A 2 -8.07 -18.31 11.58
CA GLU A 2 -8.87 -18.04 12.75
C GLU A 2 -10.29 -17.56 12.50
N ASN A 3 -10.45 -16.49 11.73
CA ASN A 3 -11.77 -15.87 11.62
C ASN A 3 -12.69 -16.52 10.60
N PHE A 4 -12.30 -17.69 10.09
CA PHE A 4 -13.11 -18.28 9.05
C PHE A 4 -13.65 -19.63 9.52
N GLN A 5 -14.89 -19.90 9.17
CA GLN A 5 -15.49 -21.17 9.54
C GLN A 5 -15.91 -21.80 8.20
N LYS A 6 -15.20 -22.87 7.81
CA LYS A 6 -15.55 -23.69 6.65
C LYS A 6 -16.96 -24.23 6.83
N VAL A 7 -17.75 -24.12 5.78
CA VAL A 7 -19.15 -24.55 5.77
C VAL A 7 -19.29 -25.78 4.88
N GLU A 8 -18.83 -25.69 3.64
CA GLU A 8 -18.83 -26.85 2.78
C GLU A 8 -17.97 -26.61 1.54
N LYS A 9 -17.49 -27.69 0.92
CA LYS A 9 -16.77 -27.67 -0.34
C LYS A 9 -17.70 -27.29 -1.45
N ILE A 10 -17.33 -26.36 -2.29
CA ILE A 10 -18.27 -26.04 -3.36
C ILE A 10 -17.69 -26.32 -4.70
N GLY A 11 -16.47 -26.81 -4.77
CA GLY A 11 -15.87 -27.14 -6.05
C GLY A 11 -14.36 -27.18 -6.10
N GLU A 12 -13.84 -27.18 -7.33
CA GLU A 12 -12.42 -27.39 -7.57
C GLU A 12 -11.89 -26.39 -8.59
N GLY A 13 -11.38 -26.84 -9.71
CA GLY A 13 -10.87 -25.86 -10.68
C GLY A 13 -9.39 -25.47 -10.53
N THR A 14 -8.52 -26.06 -11.37
CA THR A 14 -7.16 -25.53 -11.54
C THR A 14 -6.78 -25.61 -10.07
N TYR A 15 -5.55 -25.40 -9.59
CA TYR A 15 -5.23 -25.99 -8.27
C TYR A 15 -5.93 -25.37 -7.10
N GLY A 16 -6.41 -26.21 -6.22
CA GLY A 16 -6.96 -25.76 -4.95
C GLY A 16 -8.43 -26.11 -4.90
N VAL A 17 -8.82 -26.72 -3.78
CA VAL A 17 -10.22 -26.98 -3.45
C VAL A 17 -10.92 -25.76 -2.90
N VAL A 18 -12.14 -25.47 -3.33
CA VAL A 18 -12.77 -24.18 -3.09
C VAL A 18 -13.82 -24.47 -2.03
N TYR A 19 -13.74 -23.83 -0.87
CA TYR A 19 -14.76 -24.06 0.15
C TYR A 19 -15.61 -22.80 0.28
N LYS A 20 -16.87 -22.98 0.65
CA LYS A 20 -17.65 -21.88 1.20
C LYS A 20 -17.23 -21.71 2.65
N ALA A 21 -17.23 -20.47 3.11
CA ALA A 21 -16.91 -20.20 4.50
C ALA A 21 -17.56 -18.88 4.94
N ARG A 22 -17.70 -18.69 6.25
CA ARG A 22 -18.08 -17.38 6.76
C ARG A 22 -17.05 -16.79 7.70
N ASN A 23 -16.88 -15.48 7.58
CA ASN A 23 -16.13 -14.74 8.55
C ASN A 23 -16.88 -14.70 9.86
N LYS A 24 -16.29 -15.20 10.94
CA LYS A 24 -16.99 -15.31 12.21
C LYS A 24 -17.27 -13.94 12.82
N LEU A 25 -16.61 -12.93 12.30
CA LEU A 25 -16.65 -11.62 12.91
C LEU A 25 -17.49 -10.58 12.20
N THR A 26 -17.50 -10.67 10.87
CA THR A 26 -18.30 -9.74 10.06
C THR A 26 -19.52 -10.43 9.53
N GLY A 27 -19.44 -11.73 9.31
CA GLY A 27 -20.61 -12.53 8.91
C GLY A 27 -20.72 -12.77 7.41
N GLU A 28 -19.79 -12.19 6.64
CA GLU A 28 -19.78 -12.29 5.18
C GLU A 28 -19.48 -13.71 4.78
N VAL A 29 -20.19 -14.23 3.78
CA VAL A 29 -19.86 -15.51 3.19
C VAL A 29 -18.86 -15.27 2.07
N VAL A 30 -17.84 -16.13 2.03
CA VAL A 30 -16.75 -16.01 1.06
C VAL A 30 -16.49 -17.39 0.49
N ALA A 31 -15.59 -17.45 -0.48
CA ALA A 31 -15.14 -18.70 -1.05
C ALA A 31 -13.65 -18.70 -0.80
N LEU A 32 -13.17 -19.70 -0.08
CA LEU A 32 -11.75 -19.91 0.10
C LEU A 32 -11.24 -20.90 -0.91
N LYS A 33 -10.33 -20.46 -1.80
CA LYS A 33 -9.43 -21.40 -2.45
C LYS A 33 -8.21 -21.68 -1.59
N LYS A 34 -8.16 -22.91 -1.09
CA LYS A 34 -7.06 -23.41 -0.29
C LYS A 34 -6.07 -24.11 -1.22
N ILE A 35 -4.93 -23.48 -1.42
CA ILE A 35 -3.85 -24.08 -2.18
C ILE A 35 -2.94 -24.91 -1.29
N ARG A 36 -2.72 -26.13 -1.76
CA ARG A 36 -1.85 -27.11 -1.11
C ARG A 36 -0.42 -26.69 -1.32
N LEU A 37 0.18 -26.21 -0.23
CA LEU A 37 1.53 -25.72 -0.41
C LEU A 37 2.30 -27.00 -0.47
N ASP A 38 2.98 -27.19 -1.60
CA ASP A 38 4.05 -28.16 -1.54
C ASP A 38 5.43 -27.60 -1.51
N THR A 39 6.05 -28.07 -0.46
CA THR A 39 6.06 -27.34 0.77
C THR A 39 7.61 -27.28 0.72
N GLU A 40 8.16 -27.69 -0.43
CA GLU A 40 9.08 -28.84 -0.48
C GLU A 40 9.67 -29.30 -1.83
N THR A 41 8.96 -29.08 -2.93
CA THR A 41 9.42 -29.55 -4.21
C THR A 41 9.02 -28.73 -5.43
N GLU A 42 7.85 -28.11 -5.49
CA GLU A 42 7.76 -27.02 -6.46
C GLU A 42 7.43 -25.64 -5.92
N GLY A 43 7.14 -25.60 -4.63
CA GLY A 43 6.64 -24.37 -4.05
C GLY A 43 5.28 -23.91 -4.53
N VAL A 44 5.21 -22.61 -4.76
CA VAL A 44 3.97 -21.99 -5.15
C VAL A 44 3.72 -22.23 -6.60
N PRO A 45 2.59 -22.86 -6.88
CA PRO A 45 2.19 -23.16 -8.26
C PRO A 45 2.15 -21.90 -9.12
N SER A 46 2.32 -22.05 -10.43
CA SER A 46 2.31 -20.89 -11.31
C SER A 46 0.87 -20.42 -11.50
N THR A 47 -0.06 -21.35 -11.47
CA THR A 47 -1.46 -20.96 -11.49
C THR A 47 -1.82 -19.94 -10.43
N ALA A 48 -1.36 -20.14 -9.19
CA ALA A 48 -1.71 -19.25 -8.10
C ALA A 48 -0.96 -17.93 -8.25
N ILE A 49 0.30 -18.01 -8.68
CA ILE A 49 1.09 -16.82 -8.92
C ILE A 49 0.38 -15.90 -9.85
N ARG A 50 -0.25 -16.44 -10.89
CA ARG A 50 -0.72 -15.54 -11.92
C ARG A 50 -2.11 -15.08 -11.54
N GLU A 51 -2.93 -16.02 -11.07
CA GLU A 51 -4.26 -15.68 -10.60
C GLU A 51 -4.23 -14.55 -9.62
N ILE A 52 -3.25 -14.53 -8.72
CA ILE A 52 -3.22 -13.51 -7.67
C ILE A 52 -2.72 -12.17 -8.19
N SER A 53 -1.61 -12.16 -8.92
CA SER A 53 -1.06 -10.89 -9.33
C SER A 53 -1.98 -10.21 -10.36
N LEU A 54 -2.57 -10.98 -11.27
CA LEU A 54 -3.55 -10.44 -12.20
C LEU A 54 -4.91 -9.99 -11.60
N LEU A 55 -5.55 -10.87 -10.86
CA LEU A 55 -6.75 -10.48 -10.11
C LEU A 55 -6.67 -9.28 -9.14
N LYS A 56 -5.49 -9.02 -8.58
CA LYS A 56 -5.24 -7.93 -7.63
C LYS A 56 -5.32 -6.59 -8.35
N GLU A 57 -4.98 -6.62 -9.63
CA GLU A 57 -5.07 -5.45 -10.49
C GLU A 57 -6.40 -5.22 -11.20
N LEU A 58 -7.23 -6.24 -11.38
CA LEU A 58 -8.53 -6.06 -12.03
C LEU A 58 -9.66 -5.84 -11.04
N ASN A 59 -10.29 -4.69 -11.07
CA ASN A 59 -11.44 -4.50 -10.20
C ASN A 59 -12.60 -4.17 -11.10
N HIS A 60 -13.63 -5.00 -11.09
CA HIS A 60 -14.75 -4.80 -12.01
C HIS A 60 -15.93 -5.71 -11.64
N PRO A 61 -17.15 -5.21 -11.81
CA PRO A 61 -18.36 -5.95 -11.42
C PRO A 61 -18.49 -7.34 -12.02
N ASN A 62 -17.77 -7.61 -13.10
CA ASN A 62 -17.93 -8.83 -13.86
C ASN A 62 -16.67 -9.68 -13.88
N ILE A 63 -15.80 -9.35 -12.94
CA ILE A 63 -14.64 -10.15 -12.60
C ILE A 63 -14.58 -10.45 -11.10
N VAL A 64 -14.49 -11.73 -10.78
CA VAL A 64 -14.68 -12.14 -9.41
C VAL A 64 -13.67 -11.49 -8.46
N LYS A 65 -14.10 -11.06 -7.30
CA LYS A 65 -13.28 -10.10 -6.54
C LYS A 65 -12.36 -10.93 -5.66
N LEU A 66 -11.05 -10.64 -5.66
CA LEU A 66 -10.13 -11.28 -4.70
C LEU A 66 -10.03 -10.42 -3.45
N LEU A 67 -10.65 -10.85 -2.37
CA LEU A 67 -10.70 -10.06 -1.14
C LEU A 67 -9.37 -9.99 -0.35
N ASP A 68 -8.64 -11.08 -0.25
CA ASP A 68 -7.52 -11.10 0.64
C ASP A 68 -6.75 -12.38 0.32
N VAL A 69 -5.45 -12.33 0.54
CA VAL A 69 -4.62 -13.51 0.44
C VAL A 69 -4.03 -13.86 1.82
N ILE A 70 -4.16 -15.09 2.26
CA ILE A 70 -3.69 -15.45 3.59
C ILE A 70 -2.50 -16.43 3.49
N HIS A 71 -1.31 -15.95 3.85
CA HIS A 71 -0.08 -16.49 3.28
C HIS A 71 0.70 -17.00 4.48
N THR A 72 0.64 -18.29 4.76
CA THR A 72 1.43 -18.84 5.85
C THR A 72 2.48 -19.85 5.40
N GLU A 73 3.32 -20.23 6.36
CA GLU A 73 4.41 -21.17 6.14
C GLU A 73 3.85 -22.33 5.28
N ASN A 74 2.78 -22.95 5.78
CA ASN A 74 2.31 -24.23 5.26
C ASN A 74 1.12 -24.13 4.29
N LYS A 75 0.37 -23.03 4.31
CA LYS A 75 -0.75 -22.86 3.38
C LYS A 75 -0.95 -21.47 2.76
N LEU A 76 -1.38 -21.43 1.50
CA LEU A 76 -1.86 -20.19 0.90
C LEU A 76 -3.37 -20.24 0.92
N TYR A 77 -4.06 -19.18 1.31
CA TYR A 77 -5.52 -19.24 1.16
C TYR A 77 -5.89 -18.03 0.35
N LEU A 78 -6.70 -18.21 -0.67
CA LEU A 78 -7.30 -17.07 -1.32
C LEU A 78 -8.78 -16.87 -0.98
N VAL A 79 -9.10 -15.68 -0.49
CA VAL A 79 -10.47 -15.31 -0.16
C VAL A 79 -11.13 -14.50 -1.28
N PHE A 80 -12.17 -15.10 -1.83
CA PHE A 80 -12.89 -14.52 -2.94
C PHE A 80 -14.27 -14.09 -2.49
N GLU A 81 -14.93 -13.20 -3.24
CA GLU A 81 -16.36 -12.96 -2.97
C GLU A 81 -17.10 -14.22 -3.37
N PHE A 82 -18.08 -14.63 -2.56
CA PHE A 82 -18.96 -15.74 -2.89
C PHE A 82 -19.96 -15.64 -4.03
N LEU A 83 -20.09 -16.70 -4.83
CA LEU A 83 -21.12 -16.69 -5.84
C LEU A 83 -21.72 -18.07 -5.93
N HIS A 84 -23.02 -18.08 -6.21
CA HIS A 84 -23.90 -19.16 -5.85
C HIS A 84 -23.71 -20.36 -6.72
N GLN A 85 -23.49 -20.13 -8.00
CA GLN A 85 -23.07 -21.25 -8.81
C GLN A 85 -22.32 -20.87 -10.08
N ASP A 86 -21.88 -21.92 -10.77
CA ASP A 86 -21.34 -21.76 -12.10
C ASP A 86 -22.37 -21.89 -13.20
N LEU A 87 -22.01 -21.47 -14.43
CA LEU A 87 -22.96 -21.47 -15.53
C LEU A 87 -23.17 -22.90 -15.90
N LYS A 88 -22.16 -23.73 -15.71
CA LYS A 88 -22.22 -25.08 -16.26
C LYS A 88 -23.37 -25.80 -15.65
N LYS A 89 -23.49 -25.73 -14.33
CA LYS A 89 -24.54 -26.45 -13.65
C LYS A 89 -25.86 -25.77 -13.95
N PHE A 90 -25.91 -24.46 -14.09
CA PHE A 90 -27.18 -23.76 -14.32
C PHE A 90 -27.71 -24.24 -15.68
N MET A 91 -26.81 -24.42 -16.64
CA MET A 91 -27.17 -24.85 -17.97
C MET A 91 -27.69 -26.28 -17.99
N ASP A 92 -27.14 -27.13 -17.12
CA ASP A 92 -27.63 -28.50 -16.95
C ASP A 92 -29.00 -28.50 -16.28
N ALA A 93 -29.16 -27.66 -15.29
CA ALA A 93 -30.39 -27.59 -14.51
C ALA A 93 -31.48 -26.88 -15.32
N SER A 94 -31.10 -26.01 -16.24
CA SER A 94 -32.05 -25.27 -17.09
C SER A 94 -32.17 -26.00 -18.44
N ALA A 95 -31.60 -27.19 -18.55
CA ALA A 95 -31.69 -28.00 -19.78
C ALA A 95 -33.11 -28.51 -19.98
N LEU A 96 -33.68 -28.34 -21.17
CA LEU A 96 -35.04 -28.84 -21.40
C LEU A 96 -36.06 -27.72 -21.27
N THR A 97 -35.92 -26.88 -20.26
CA THR A 97 -36.60 -25.59 -20.27
C THR A 97 -35.92 -24.63 -21.24
N GLY A 98 -34.59 -24.62 -21.20
CA GLY A 98 -33.78 -23.61 -21.90
C GLY A 98 -33.52 -22.42 -21.00
N ILE A 99 -32.35 -21.81 -21.15
CA ILE A 99 -32.11 -20.54 -20.49
C ILE A 99 -32.86 -19.48 -21.25
N PRO A 100 -33.65 -18.69 -20.55
CA PRO A 100 -34.45 -17.66 -21.23
C PRO A 100 -33.58 -16.77 -22.09
N LEU A 101 -33.96 -16.59 -23.35
CA LEU A 101 -33.22 -15.69 -24.22
C LEU A 101 -32.72 -14.37 -23.59
N PRO A 102 -33.54 -13.67 -22.82
CA PRO A 102 -33.12 -12.38 -22.27
C PRO A 102 -32.03 -12.48 -21.20
N LEU A 103 -32.00 -13.59 -20.49
CA LEU A 103 -30.92 -13.83 -19.56
C LEU A 103 -29.64 -14.08 -20.34
N ILE A 104 -29.76 -14.86 -21.39
CA ILE A 104 -28.63 -15.03 -22.32
C ILE A 104 -28.01 -13.73 -22.71
N LYS A 105 -28.85 -12.79 -23.09
CA LYS A 105 -28.37 -11.50 -23.59
C LYS A 105 -27.66 -10.68 -22.50
N SER A 106 -28.29 -10.54 -21.33
CA SER A 106 -27.60 -9.94 -20.19
C SER A 106 -26.24 -10.59 -19.83
N TYR A 107 -26.21 -11.92 -19.89
CA TYR A 107 -25.02 -12.67 -19.58
C TYR A 107 -23.90 -12.38 -20.59
N LEU A 108 -24.21 -12.45 -21.87
CA LEU A 108 -23.18 -12.21 -22.89
C LEU A 108 -22.66 -10.80 -22.83
N PHE A 109 -23.58 -9.91 -22.48
CA PHE A 109 -23.30 -8.47 -22.41
C PHE A 109 -22.36 -8.22 -21.24
N GLN A 110 -22.62 -8.92 -20.15
CA GLN A 110 -21.86 -8.76 -18.92
C GLN A 110 -20.49 -9.35 -19.12
N LEU A 111 -20.40 -10.51 -19.77
CA LEU A 111 -19.15 -11.22 -19.91
C LEU A 111 -18.26 -10.36 -20.79
N LEU A 112 -18.85 -9.62 -21.72
CA LEU A 112 -18.04 -8.85 -22.67
C LEU A 112 -17.52 -7.59 -22.01
N GLN A 113 -18.25 -7.06 -21.04
CA GLN A 113 -17.70 -5.97 -20.25
C GLN A 113 -16.50 -6.48 -19.43
N GLY A 114 -16.60 -7.65 -18.81
CA GLY A 114 -15.45 -8.24 -18.14
C GLY A 114 -14.26 -8.53 -19.04
N LEU A 115 -14.43 -9.38 -20.04
CA LEU A 115 -13.42 -9.50 -21.09
C LEU A 115 -12.85 -8.16 -21.54
N ALA A 116 -13.72 -7.21 -21.90
CA ALA A 116 -13.25 -5.87 -22.29
C ALA A 116 -12.29 -5.28 -21.28
N PHE A 117 -12.57 -5.45 -19.98
CA PHE A 117 -11.77 -4.88 -18.91
C PHE A 117 -10.46 -5.65 -18.85
N CYS A 118 -10.48 -6.97 -18.92
CA CYS A 118 -9.22 -7.71 -18.97
C CYS A 118 -8.30 -7.28 -20.13
N HIS A 119 -8.81 -7.33 -21.35
CA HIS A 119 -7.94 -7.08 -22.50
C HIS A 119 -7.30 -5.70 -22.49
N SER A 120 -8.08 -4.69 -22.15
CA SER A 120 -7.52 -3.36 -21.98
C SER A 120 -6.63 -3.17 -20.71
N HIS A 121 -6.42 -4.23 -19.96
CA HIS A 121 -5.38 -4.27 -18.94
C HIS A 121 -4.33 -5.36 -19.27
N ARG A 122 -4.08 -5.63 -20.55
CA ARG A 122 -3.13 -6.66 -20.98
C ARG A 122 -3.28 -7.94 -20.16
N VAL A 123 -4.51 -8.38 -19.98
CA VAL A 123 -4.68 -9.76 -19.54
C VAL A 123 -5.48 -10.59 -20.55
N LEU A 124 -4.94 -11.72 -20.99
CA LEU A 124 -5.70 -12.84 -21.54
C LEU A 124 -6.16 -13.86 -20.51
N HIS A 125 -7.36 -14.42 -20.71
CA HIS A 125 -7.87 -15.39 -19.75
C HIS A 125 -7.54 -16.81 -20.19
N ARG A 126 -7.85 -17.12 -21.45
CA ARG A 126 -7.28 -18.23 -22.21
C ARG A 126 -8.03 -19.55 -22.01
N ASP A 127 -8.91 -19.60 -21.00
CA ASP A 127 -9.57 -20.84 -20.57
C ASP A 127 -11.01 -20.43 -20.19
N LEU A 128 -11.65 -19.62 -21.03
CA LEU A 128 -13.07 -19.37 -20.82
C LEU A 128 -13.94 -20.61 -21.10
N LYS A 129 -14.79 -20.92 -20.15
CA LYS A 129 -15.63 -22.09 -20.28
C LYS A 129 -16.69 -22.04 -19.15
N PRO A 130 -17.85 -22.63 -19.36
CA PRO A 130 -18.97 -22.44 -18.45
C PRO A 130 -18.60 -22.74 -17.00
N GLN A 131 -17.74 -23.71 -16.74
CA GLN A 131 -17.34 -23.93 -15.37
C GLN A 131 -16.59 -22.76 -14.75
N ASN A 132 -16.08 -21.85 -15.58
CA ASN A 132 -15.20 -20.79 -15.09
C ASN A 132 -15.99 -19.51 -15.14
N LEU A 133 -17.29 -19.58 -15.42
CA LEU A 133 -18.16 -18.40 -15.32
C LEU A 133 -19.16 -18.54 -14.16
N LEU A 134 -19.23 -17.53 -13.28
CA LEU A 134 -19.98 -17.68 -12.04
C LEU A 134 -21.20 -16.75 -11.94
N ILE A 135 -22.34 -17.27 -11.50
CA ILE A 135 -23.54 -16.45 -11.45
C ILE A 135 -24.06 -16.31 -10.02
N ASN A 136 -24.69 -15.18 -9.72
CA ASN A 136 -25.40 -15.06 -8.45
C ASN A 136 -26.90 -14.85 -8.66
N THR A 137 -27.66 -14.77 -7.56
CA THR A 137 -29.14 -14.75 -7.57
C THR A 137 -29.72 -13.43 -8.11
N GLU A 138 -28.91 -12.38 -8.16
CA GLU A 138 -29.35 -11.07 -8.60
C GLU A 138 -29.06 -10.79 -10.10
N GLY A 139 -28.75 -11.85 -10.84
CA GLY A 139 -28.53 -11.80 -12.27
C GLY A 139 -27.19 -11.42 -12.84
N ALA A 140 -26.14 -11.36 -12.03
CA ALA A 140 -24.79 -10.98 -12.47
C ALA A 140 -24.05 -12.25 -12.89
N ILE A 141 -23.08 -12.04 -13.76
CA ILE A 141 -22.19 -13.13 -14.11
C ILE A 141 -20.77 -12.61 -14.13
N LYS A 142 -19.83 -13.40 -13.65
CA LYS A 142 -18.47 -12.91 -13.41
C LYS A 142 -17.50 -13.93 -13.95
N LEU A 143 -16.41 -13.47 -14.59
CA LEU A 143 -15.31 -14.37 -14.96
C LEU A 143 -14.53 -14.85 -13.73
N ALA A 144 -14.26 -16.15 -13.68
CA ALA A 144 -13.49 -16.66 -12.56
C ALA A 144 -12.33 -17.53 -13.02
N ASP A 145 -11.50 -17.97 -12.06
CA ASP A 145 -10.33 -18.80 -12.35
C ASP A 145 -9.32 -18.22 -13.35
N PHE A 146 -8.41 -17.36 -12.90
CA PHE A 146 -7.39 -16.79 -13.76
C PHE A 146 -6.09 -17.55 -13.63
N GLY A 147 -6.16 -18.86 -13.36
CA GLY A 147 -4.95 -19.64 -13.17
C GLY A 147 -4.13 -19.87 -14.42
N LEU A 148 -4.78 -19.87 -15.57
CA LEU A 148 -4.09 -20.06 -16.85
C LEU A 148 -3.89 -18.70 -17.55
N ALA A 149 -4.17 -17.61 -16.84
CA ALA A 149 -4.33 -16.33 -17.50
C ALA A 149 -2.93 -15.80 -17.71
N ARG A 150 -2.71 -15.04 -18.79
CA ARG A 150 -1.40 -14.46 -18.97
C ARG A 150 -1.52 -12.98 -19.23
N ALA A 151 -0.51 -12.21 -18.82
CA ALA A 151 -0.26 -10.85 -19.29
C ALA A 151 0.37 -10.75 -20.68
N PHE A 152 -0.21 -9.91 -21.53
CA PHE A 152 0.25 -9.88 -22.89
C PHE A 152 0.91 -8.55 -23.25
N GLY A 153 1.47 -7.88 -22.25
CA GLY A 153 2.39 -6.80 -22.56
C GLY A 153 3.54 -7.21 -23.46
N VAL A 154 3.87 -8.50 -23.49
CA VAL A 154 4.55 -9.08 -24.64
C VAL A 154 3.75 -10.26 -25.23
N PRO A 155 3.79 -10.48 -26.53
CA PRO A 155 2.92 -11.51 -27.08
C PRO A 155 3.12 -12.83 -26.34
N VAL A 156 1.99 -13.48 -26.07
CA VAL A 156 1.97 -14.69 -25.28
C VAL A 156 2.23 -15.91 -26.14
N ARG A 157 3.35 -16.60 -25.88
CA ARG A 157 3.75 -17.76 -26.66
C ARG A 157 2.90 -19.00 -26.44
N THR A 158 2.67 -19.67 -27.56
CA THR A 158 1.74 -20.75 -27.60
C THR A 158 2.28 -22.08 -27.06
N TYR A 159 1.39 -22.74 -26.32
CA TYR A 159 1.75 -23.93 -25.57
C TYR A 159 2.04 -25.12 -26.52
N THR A 160 3.32 -25.40 -26.73
CA THR A 160 3.72 -26.70 -27.30
C THR A 160 2.51 -27.66 -27.55
N HIS A 161 1.86 -28.05 -26.45
CA HIS A 161 1.33 -29.40 -26.27
C HIS A 161 -0.03 -29.33 -25.58
N GLU A 162 -0.82 -28.32 -25.95
CA GLU A 162 -1.20 -27.19 -25.08
C GLU A 162 -1.08 -27.26 -23.56
N VAL A 163 -2.20 -26.97 -22.88
CA VAL A 163 -2.76 -27.85 -21.88
C VAL A 163 -4.25 -28.14 -22.16
N VAL A 164 -4.98 -27.13 -22.58
CA VAL A 164 -6.35 -26.97 -22.14
C VAL A 164 -7.42 -27.99 -22.53
N THR A 165 -8.68 -27.56 -22.44
CA THR A 165 -9.78 -28.21 -23.11
C THR A 165 -9.91 -27.77 -24.57
N LEU A 166 -10.52 -28.67 -25.33
CA LEU A 166 -10.86 -28.42 -26.70
C LEU A 166 -12.12 -27.62 -26.65
N TRP A 167 -13.00 -27.77 -27.62
CA TRP A 167 -14.39 -27.38 -27.39
C TRP A 167 -14.44 -25.86 -27.49
N TYR A 168 -13.68 -25.12 -26.69
CA TYR A 168 -13.75 -23.67 -26.73
C TYR A 168 -12.44 -23.06 -27.25
N ARG A 169 -11.68 -23.89 -27.95
CA ARG A 169 -10.39 -23.49 -28.47
C ARG A 169 -10.54 -23.01 -29.90
N ALA A 170 -9.77 -21.97 -30.17
CA ALA A 170 -9.85 -21.23 -31.39
C ALA A 170 -9.11 -22.03 -32.44
N PRO A 171 -9.47 -21.78 -33.69
CA PRO A 171 -8.93 -22.56 -34.80
C PRO A 171 -7.49 -22.12 -35.12
N GLU A 172 -7.12 -20.89 -34.77
CA GLU A 172 -5.76 -20.45 -35.08
C GLU A 172 -4.78 -21.22 -34.19
N ILE A 173 -5.20 -21.45 -32.94
CA ILE A 173 -4.38 -22.18 -32.01
C ILE A 173 -4.31 -23.66 -32.38
N LEU A 174 -5.45 -24.21 -32.79
CA LEU A 174 -5.53 -25.57 -33.31
C LEU A 174 -4.64 -25.78 -34.51
N LEU A 175 -4.40 -24.75 -35.32
CA LEU A 175 -3.62 -24.94 -36.55
C LEU A 175 -2.14 -24.56 -36.36
N GLY A 176 -1.74 -24.37 -35.10
CA GLY A 176 -0.33 -24.33 -34.70
C GLY A 176 0.23 -22.92 -34.74
N CYS A 177 -0.66 -21.97 -34.50
CA CYS A 177 -0.23 -20.59 -34.40
C CYS A 177 0.75 -20.37 -33.21
N LYS A 178 1.73 -19.49 -33.41
CA LYS A 178 2.84 -19.31 -32.48
C LYS A 178 2.41 -18.52 -31.23
N TYR A 179 1.50 -17.56 -31.44
CA TYR A 179 1.00 -16.71 -30.36
C TYR A 179 -0.53 -16.78 -30.13
N TYR A 180 -0.93 -16.48 -28.90
CA TYR A 180 -2.29 -16.08 -28.54
C TYR A 180 -2.54 -14.62 -28.89
N SER A 181 -3.81 -14.28 -29.00
CA SER A 181 -4.22 -12.89 -29.04
C SER A 181 -5.45 -12.80 -28.16
N THR A 182 -5.93 -11.59 -27.88
CA THR A 182 -7.30 -11.37 -27.39
C THR A 182 -8.42 -12.11 -28.13
N ALA A 183 -8.20 -12.34 -29.42
CA ALA A 183 -9.27 -12.93 -30.18
C ALA A 183 -9.67 -14.33 -29.70
N VAL A 184 -8.78 -15.08 -29.05
CA VAL A 184 -9.10 -16.45 -28.58
C VAL A 184 -10.20 -16.43 -27.54
N ASP A 185 -10.19 -15.35 -26.74
CA ASP A 185 -11.16 -15.18 -25.68
C ASP A 185 -12.52 -14.97 -26.28
N ILE A 186 -12.55 -14.25 -27.41
CA ILE A 186 -13.82 -13.91 -28.06
C ILE A 186 -14.46 -15.13 -28.64
N TRP A 187 -13.64 -15.95 -29.26
CA TRP A 187 -14.09 -17.20 -29.87
C TRP A 187 -14.68 -18.12 -28.86
N SER A 188 -14.03 -18.23 -27.71
CA SER A 188 -14.58 -18.97 -26.57
C SER A 188 -15.93 -18.41 -26.15
N LEU A 189 -16.03 -17.10 -26.05
CA LEU A 189 -17.31 -16.52 -25.68
C LEU A 189 -18.42 -16.88 -26.65
N GLY A 190 -18.13 -16.81 -27.96
CA GLY A 190 -19.11 -17.12 -28.97
C GLY A 190 -19.55 -18.57 -28.94
N CYS A 191 -18.67 -19.49 -28.53
CA CYS A 191 -19.10 -20.89 -28.30
C CYS A 191 -20.01 -20.99 -27.09
N ILE A 192 -19.78 -20.15 -26.09
CA ILE A 192 -20.61 -20.19 -24.90
C ILE A 192 -21.98 -19.56 -25.12
N PHE A 193 -22.02 -18.49 -25.90
CA PHE A 193 -23.24 -17.92 -26.44
C PHE A 193 -24.07 -19.00 -27.18
N ALA A 194 -23.49 -19.63 -28.18
CA ALA A 194 -24.23 -20.73 -28.82
C ALA A 194 -24.71 -21.79 -27.85
N GLU A 195 -23.81 -22.21 -26.97
CA GLU A 195 -24.14 -23.28 -26.03
C GLU A 195 -25.33 -22.89 -25.14
N MET A 196 -25.38 -21.63 -24.69
CA MET A 196 -26.56 -21.15 -23.95
C MET A 196 -27.81 -21.24 -24.85
N VAL A 197 -27.63 -20.90 -26.12
CA VAL A 197 -28.76 -20.74 -27.01
C VAL A 197 -29.38 -22.07 -27.40
N THR A 198 -28.54 -23.03 -27.81
CA THR A 198 -28.97 -24.35 -28.32
C THR A 198 -29.03 -25.42 -27.24
N ARG A 199 -28.48 -25.17 -26.06
CA ARG A 199 -28.53 -26.17 -25.00
C ARG A 199 -27.44 -27.22 -25.14
N ARG A 200 -26.65 -27.20 -26.20
CA ARG A 200 -25.52 -28.11 -26.25
C ARG A 200 -24.22 -27.49 -26.82
N ALA A 201 -23.08 -28.02 -26.39
CA ALA A 201 -21.82 -27.48 -26.87
C ALA A 201 -21.77 -27.31 -28.41
N LEU A 202 -21.31 -26.15 -28.86
CA LEU A 202 -21.30 -25.84 -30.29
C LEU A 202 -20.38 -26.82 -30.99
N PHE A 203 -19.18 -27.03 -30.42
CA PHE A 203 -18.09 -27.84 -31.00
C PHE A 203 -17.44 -28.92 -30.10
N PRO A 204 -18.18 -29.99 -29.79
CA PRO A 204 -17.76 -30.96 -28.77
C PRO A 204 -16.94 -32.10 -29.36
N GLY A 205 -15.63 -31.94 -29.40
CA GLY A 205 -14.82 -32.75 -30.28
C GLY A 205 -13.91 -33.59 -29.43
N ASP A 206 -13.47 -34.71 -30.01
CA ASP A 206 -12.74 -35.65 -29.20
C ASP A 206 -11.25 -35.66 -29.37
N SER A 207 -10.71 -34.99 -30.36
CA SER A 207 -9.26 -34.75 -30.43
C SER A 207 -9.05 -33.40 -31.11
N GLU A 208 -7.82 -32.88 -31.08
CA GLU A 208 -7.46 -31.66 -31.79
C GLU A 208 -7.99 -31.71 -33.24
N ILE A 209 -7.74 -32.79 -33.96
CA ILE A 209 -8.12 -32.79 -35.36
C ILE A 209 -9.63 -32.86 -35.57
N ASP A 210 -10.33 -33.57 -34.69
CA ASP A 210 -11.79 -33.70 -34.82
C ASP A 210 -12.49 -32.40 -34.42
N GLN A 211 -11.82 -31.64 -33.56
CA GLN A 211 -12.29 -30.33 -33.12
C GLN A 211 -12.33 -29.40 -34.33
N LEU A 212 -11.21 -29.35 -35.05
CA LEU A 212 -11.06 -28.62 -36.28
C LEU A 212 -12.18 -28.99 -37.21
N PHE A 213 -12.49 -30.27 -37.23
CA PHE A 213 -13.31 -30.74 -38.32
C PHE A 213 -14.76 -30.48 -38.03
N ARG A 214 -15.15 -30.58 -36.76
CA ARG A 214 -16.49 -30.13 -36.35
C ARG A 214 -16.64 -28.65 -36.55
N ILE A 215 -15.57 -27.88 -36.39
CA ILE A 215 -15.69 -26.44 -36.67
C ILE A 215 -15.86 -26.25 -38.18
N PHE A 216 -15.05 -26.95 -38.98
CA PHE A 216 -15.10 -26.80 -40.44
C PHE A 216 -16.47 -27.26 -40.96
N ARG A 217 -17.10 -28.20 -40.26
CA ARG A 217 -18.37 -28.71 -40.79
C ARG A 217 -19.45 -27.71 -40.59
N THR A 218 -19.29 -26.91 -39.55
CA THR A 218 -20.29 -25.93 -39.25
C THR A 218 -20.05 -24.57 -39.91
N LEU A 219 -18.82 -24.10 -40.03
CA LEU A 219 -18.56 -22.74 -40.56
C LEU A 219 -17.93 -22.77 -41.99
N GLY A 220 -17.76 -23.99 -42.48
CA GLY A 220 -16.94 -24.24 -43.64
C GLY A 220 -15.44 -24.29 -43.50
N THR A 221 -14.82 -25.11 -44.34
CA THR A 221 -13.37 -25.11 -44.45
C THR A 221 -12.89 -23.75 -44.93
N PRO A 222 -11.90 -23.19 -44.26
CA PRO A 222 -11.29 -21.93 -44.68
C PRO A 222 -10.41 -22.04 -45.92
N ASP A 223 -10.08 -20.87 -46.45
CA ASP A 223 -8.99 -20.74 -47.41
C ASP A 223 -8.45 -19.32 -47.29
N GLU A 224 -7.73 -18.87 -48.30
CA GLU A 224 -7.11 -17.54 -48.24
C GLU A 224 -8.01 -16.31 -48.46
N VAL A 225 -9.25 -16.55 -48.84
CA VAL A 225 -10.21 -15.45 -48.96
C VAL A 225 -10.81 -15.14 -47.60
N VAL A 226 -11.49 -16.10 -46.99
CA VAL A 226 -11.91 -16.02 -45.60
C VAL A 226 -10.80 -15.78 -44.53
N TRP A 227 -9.55 -16.17 -44.81
CA TRP A 227 -8.45 -16.18 -43.82
C TRP A 227 -7.05 -16.17 -44.46
N PRO A 228 -6.66 -15.03 -44.99
CA PRO A 228 -5.31 -14.89 -45.51
C PRO A 228 -4.35 -15.60 -44.55
N GLY A 229 -3.72 -16.65 -45.07
CA GLY A 229 -2.49 -17.19 -44.53
C GLY A 229 -2.68 -18.60 -44.00
N VAL A 230 -3.92 -19.07 -43.93
CA VAL A 230 -4.14 -20.34 -43.24
C VAL A 230 -3.23 -21.40 -43.86
N THR A 231 -3.11 -21.37 -45.19
CA THR A 231 -2.48 -22.46 -45.93
C THR A 231 -0.97 -22.55 -45.60
N SER A 232 -0.41 -21.50 -45.03
CA SER A 232 0.98 -21.55 -44.59
C SER A 232 1.17 -21.79 -43.08
N MET A 233 0.07 -22.01 -42.37
CA MET A 233 0.13 -22.42 -40.95
C MET A 233 0.60 -23.85 -40.71
N PRO A 234 1.47 -23.99 -39.71
CA PRO A 234 2.17 -25.26 -39.42
C PRO A 234 1.35 -26.58 -39.53
N ASP A 235 0.10 -26.52 -39.09
CA ASP A 235 -0.71 -27.74 -38.98
C ASP A 235 -1.81 -27.85 -40.04
N TYR A 236 -1.82 -26.91 -40.99
CA TYR A 236 -2.71 -26.95 -42.18
C TYR A 236 -2.28 -27.96 -43.26
N LYS A 237 -3.25 -28.66 -43.83
CA LYS A 237 -2.97 -29.76 -44.76
C LYS A 237 -3.91 -29.61 -45.95
N PRO A 238 -3.35 -29.66 -47.16
CA PRO A 238 -4.17 -29.65 -48.38
C PRO A 238 -5.18 -30.80 -48.47
N SER A 239 -5.01 -31.82 -47.63
CA SER A 239 -5.92 -32.96 -47.58
C SER A 239 -7.17 -32.72 -46.73
N PHE A 240 -7.29 -31.52 -46.15
CA PHE A 240 -8.50 -31.21 -45.38
C PHE A 240 -9.72 -31.28 -46.30
N PRO A 241 -10.75 -31.99 -45.88
CA PRO A 241 -12.00 -32.02 -46.65
C PRO A 241 -12.60 -30.63 -46.80
N LYS A 242 -13.19 -30.36 -47.97
CA LYS A 242 -13.78 -29.05 -48.25
C LYS A 242 -15.25 -29.16 -47.84
N TRP A 243 -15.65 -28.47 -46.78
CA TRP A 243 -17.05 -28.42 -46.42
C TRP A 243 -17.59 -27.05 -46.75
N ALA A 244 -18.91 -26.91 -46.59
CA ALA A 244 -19.53 -25.61 -46.84
C ALA A 244 -20.07 -24.96 -45.58
N ARG A 245 -20.04 -23.63 -45.58
CA ARG A 245 -20.70 -22.85 -44.52
C ARG A 245 -22.19 -23.16 -44.41
N GLN A 246 -22.59 -23.80 -43.32
CA GLN A 246 -23.99 -23.89 -42.95
C GLN A 246 -24.54 -22.52 -42.60
N ASP A 247 -25.85 -22.40 -42.85
CA ASP A 247 -26.64 -21.21 -42.53
C ASP A 247 -26.79 -21.12 -41.01
N PHE A 248 -26.63 -19.92 -40.51
CA PHE A 248 -26.54 -19.74 -39.08
C PHE A 248 -27.90 -19.96 -38.49
N SER A 249 -28.90 -19.96 -39.36
CA SER A 249 -30.28 -20.12 -38.93
C SER A 249 -30.63 -21.57 -38.56
N LYS A 250 -29.80 -22.51 -39.01
CA LYS A 250 -29.92 -23.89 -38.56
C LYS A 250 -28.94 -24.22 -37.44
N VAL A 251 -27.75 -23.60 -37.43
CA VAL A 251 -26.82 -23.73 -36.30
C VAL A 251 -27.42 -23.24 -34.98
N VAL A 252 -28.06 -22.06 -34.99
CA VAL A 252 -28.68 -21.48 -33.80
C VAL A 252 -30.08 -20.88 -34.08
N PRO A 253 -31.05 -21.75 -34.40
CA PRO A 253 -32.40 -21.35 -34.80
C PRO A 253 -32.97 -20.17 -34.01
N PRO A 254 -33.02 -20.22 -32.67
CA PRO A 254 -33.90 -19.37 -31.84
C PRO A 254 -33.43 -17.93 -31.87
N LEU A 255 -32.20 -17.75 -32.31
CA LEU A 255 -31.62 -16.42 -32.26
C LEU A 255 -32.22 -15.56 -33.39
N ASP A 256 -32.41 -14.27 -33.11
CA ASP A 256 -32.88 -13.32 -34.11
C ASP A 256 -31.70 -12.92 -35.01
N GLU A 257 -31.84 -11.92 -35.87
CA GLU A 257 -30.89 -11.67 -36.95
C GLU A 257 -29.71 -10.88 -36.43
N ASP A 258 -29.97 -10.00 -35.46
CA ASP A 258 -28.93 -9.27 -34.73
C ASP A 258 -28.00 -10.27 -33.99
N GLY A 259 -28.57 -11.31 -33.39
CA GLY A 259 -27.79 -12.26 -32.61
C GLY A 259 -26.87 -13.10 -33.49
N ARG A 260 -27.45 -13.55 -34.60
CA ARG A 260 -26.72 -14.35 -35.57
C ARG A 260 -25.64 -13.45 -36.14
N SER A 261 -25.90 -12.16 -36.19
CA SER A 261 -24.86 -11.29 -36.71
C SER A 261 -23.65 -11.32 -35.78
N LEU A 262 -23.93 -11.03 -34.52
CA LEU A 262 -22.87 -10.86 -33.53
C LEU A 262 -22.16 -12.21 -33.41
N LEU A 263 -22.91 -13.30 -33.40
CA LEU A 263 -22.23 -14.58 -33.30
C LEU A 263 -21.29 -14.79 -34.46
N SER A 264 -21.71 -14.42 -35.68
CA SER A 264 -20.88 -14.65 -36.87
C SER A 264 -19.57 -13.88 -36.77
N GLN A 265 -19.67 -12.69 -36.18
CA GLN A 265 -18.47 -11.88 -35.94
C GLN A 265 -17.53 -12.33 -34.82
N MET A 266 -18.07 -13.09 -33.86
CA MET A 266 -17.27 -13.65 -32.78
C MET A 266 -16.55 -14.94 -33.20
N LEU A 267 -17.16 -15.69 -34.11
CA LEU A 267 -16.58 -16.85 -34.75
C LEU A 267 -16.04 -16.72 -36.18
N HIS A 268 -15.75 -15.51 -36.61
CA HIS A 268 -14.86 -15.33 -37.76
C HIS A 268 -13.54 -16.09 -37.65
N TYR A 269 -13.15 -16.82 -38.67
CA TYR A 269 -11.89 -17.55 -38.61
C TYR A 269 -10.67 -16.64 -38.44
N ASP A 270 -10.53 -15.60 -39.24
CA ASP A 270 -9.28 -14.84 -39.20
C ASP A 270 -9.27 -13.98 -37.94
N PRO A 271 -8.34 -14.23 -37.02
CA PRO A 271 -8.25 -13.49 -35.76
C PRO A 271 -8.16 -11.98 -35.80
N ASN A 272 -7.50 -11.48 -36.85
CA ASN A 272 -7.48 -10.05 -37.13
C ASN A 272 -8.81 -9.38 -37.50
N LYS A 273 -9.83 -10.15 -37.86
CA LYS A 273 -11.10 -9.58 -38.29
C LYS A 273 -12.18 -9.87 -37.29
N ARG A 274 -11.84 -10.76 -36.37
CA ARG A 274 -12.77 -11.18 -35.34
C ARG A 274 -13.02 -9.97 -34.46
N ILE A 275 -14.27 -9.82 -34.07
CA ILE A 275 -14.70 -8.66 -33.33
C ILE A 275 -14.12 -8.72 -31.93
N SER A 276 -13.80 -7.53 -31.43
CA SER A 276 -13.22 -7.35 -30.14
C SER A 276 -14.34 -7.18 -29.13
N ALA A 277 -14.00 -7.34 -27.86
CA ALA A 277 -14.99 -7.25 -26.81
C ALA A 277 -15.63 -5.87 -26.81
N LYS A 278 -14.81 -4.87 -27.11
CA LYS A 278 -15.22 -3.47 -26.98
C LYS A 278 -16.23 -3.18 -28.08
N ALA A 279 -15.94 -3.68 -29.28
CA ALA A 279 -16.83 -3.46 -30.43
C ALA A 279 -18.17 -4.19 -30.26
N ALA A 280 -18.12 -5.40 -29.72
CA ALA A 280 -19.31 -6.25 -29.62
C ALA A 280 -20.30 -5.60 -28.64
N LEU A 281 -19.77 -4.77 -27.75
CA LEU A 281 -20.62 -4.18 -26.74
C LEU A 281 -21.41 -3.03 -27.35
N ALA A 282 -20.95 -2.56 -28.50
CA ALA A 282 -21.68 -1.56 -29.30
C ALA A 282 -22.70 -2.13 -30.28
N HIS A 283 -22.69 -3.44 -30.46
CA HIS A 283 -23.55 -4.14 -31.40
C HIS A 283 -25.05 -3.95 -31.08
N PRO A 284 -25.83 -3.81 -32.14
CA PRO A 284 -27.29 -3.69 -32.03
C PRO A 284 -27.97 -4.79 -31.26
N PHE A 285 -27.36 -5.94 -31.04
CA PHE A 285 -28.03 -7.02 -30.31
C PHE A 285 -28.32 -6.63 -28.86
N PHE A 286 -27.58 -5.67 -28.32
CA PHE A 286 -27.68 -5.33 -26.89
C PHE A 286 -28.56 -4.10 -26.62
N GLN A 287 -29.29 -3.64 -27.64
CA GLN A 287 -30.09 -2.40 -27.48
C GLN A 287 -31.12 -2.56 -26.34
N ASP A 288 -31.76 -3.72 -26.36
CA ASP A 288 -32.89 -4.01 -25.50
C ASP A 288 -32.45 -4.97 -24.38
N VAL A 289 -31.17 -4.89 -24.03
CA VAL A 289 -30.64 -5.67 -22.90
C VAL A 289 -31.24 -5.19 -21.59
N THR A 290 -31.64 -6.18 -20.78
CA THR A 290 -32.03 -5.96 -19.41
C THR A 290 -31.21 -6.80 -18.44
N LYS A 291 -31.68 -6.93 -17.21
CA LYS A 291 -30.99 -7.66 -16.13
C LYS A 291 -31.94 -8.57 -15.36
N PRO A 292 -32.44 -9.60 -16.02
CA PRO A 292 -33.29 -10.58 -15.37
C PRO A 292 -32.48 -11.43 -14.39
N VAL A 293 -33.17 -12.00 -13.40
CA VAL A 293 -32.53 -12.91 -12.49
C VAL A 293 -32.95 -14.33 -12.83
N PRO A 294 -32.01 -15.25 -12.58
CA PRO A 294 -32.20 -16.67 -12.85
C PRO A 294 -33.09 -17.38 -11.82
N HIS A 295 -33.67 -18.48 -12.27
CA HIS A 295 -34.36 -19.38 -11.37
C HIS A 295 -33.42 -20.53 -10.98
N LEU A 296 -32.95 -20.53 -9.73
CA LEU A 296 -31.64 -21.10 -9.39
C LEU A 296 -31.76 -22.46 -8.68
N VAL B 3 -5.95 -6.93 -32.28
CA VAL B 3 -5.31 -5.62 -32.62
C VAL B 3 -5.70 -4.43 -31.71
N PRO B 4 -5.11 -3.33 -32.14
CA PRO B 4 -5.24 -1.94 -31.74
C PRO B 4 -6.43 -1.30 -31.04
N ASP B 5 -7.56 -1.98 -30.88
CA ASP B 5 -8.62 -1.52 -29.96
C ASP B 5 -8.09 -1.29 -28.53
N TYR B 6 -6.93 -1.89 -28.25
CA TYR B 6 -6.44 -1.99 -26.88
C TYR B 6 -5.02 -1.46 -26.80
N HIS B 7 -4.43 -1.14 -27.94
CA HIS B 7 -3.05 -0.73 -27.90
C HIS B 7 -2.85 0.54 -27.08
N GLU B 8 -3.74 1.51 -27.28
CA GLU B 8 -3.70 2.77 -26.55
C GLU B 8 -4.01 2.59 -25.05
N ASP B 9 -5.13 1.92 -24.74
CA ASP B 9 -5.46 1.63 -23.34
C ASP B 9 -4.28 0.94 -22.62
N ILE B 10 -3.72 -0.11 -23.22
CA ILE B 10 -2.67 -0.92 -22.60
C ILE B 10 -1.45 -0.04 -22.42
N HIS B 11 -1.02 0.65 -23.47
CA HIS B 11 0.13 1.53 -23.28
C HIS B 11 -0.06 2.56 -22.16
N THR B 12 -1.25 3.12 -22.03
CA THR B 12 -1.51 4.14 -21.02
C THR B 12 -1.39 3.50 -19.66
N TYR B 13 -1.89 2.26 -19.55
CA TYR B 13 -2.01 1.56 -18.29
C TYR B 13 -0.63 1.03 -17.93
N LEU B 14 0.12 0.54 -18.91
CA LEU B 14 1.52 0.23 -18.63
C LEU B 14 2.26 1.45 -18.07
N ARG B 15 1.91 2.64 -18.53
CA ARG B 15 2.48 3.85 -17.96
C ARG B 15 2.09 4.14 -16.52
N GLU B 16 0.90 3.71 -16.15
CA GLU B 16 0.47 3.85 -14.76
C GLU B 16 1.18 2.86 -13.83
N MET B 17 1.35 1.65 -14.35
CA MET B 17 1.82 0.55 -13.57
C MET B 17 3.31 0.73 -13.38
N GLU B 18 4.00 1.40 -14.29
CA GLU B 18 5.46 1.43 -14.15
C GLU B 18 5.82 2.31 -12.97
N VAL B 19 4.98 3.28 -12.67
CA VAL B 19 5.27 4.14 -11.54
C VAL B 19 5.11 3.36 -10.24
N LYS B 20 4.13 2.46 -10.21
CA LYS B 20 3.78 1.75 -8.97
C LYS B 20 4.77 0.62 -8.67
N CYS B 21 5.37 0.12 -9.75
CA CYS B 21 6.41 -0.91 -9.67
C CYS B 21 7.82 -0.29 -9.81
N LYS B 22 8.00 0.96 -9.39
CA LYS B 22 9.34 1.56 -9.36
C LYS B 22 10.03 1.04 -8.11
N PRO B 23 11.27 0.58 -8.24
CA PRO B 23 12.19 0.51 -7.10
C PRO B 23 12.70 1.86 -6.56
N LYS B 24 13.00 1.97 -5.27
CA LYS B 24 13.77 3.09 -4.71
C LYS B 24 15.16 3.28 -5.33
N VAL B 25 15.49 4.49 -5.80
CA VAL B 25 16.67 4.72 -6.66
C VAL B 25 17.97 4.70 -5.88
N GLY B 26 17.88 5.05 -4.60
CA GLY B 26 19.07 5.26 -3.81
C GLY B 26 19.24 4.08 -2.86
N TYR B 27 18.77 2.92 -3.30
CA TYR B 27 18.68 1.78 -2.39
C TYR B 27 20.07 1.24 -2.15
N MET B 28 20.94 1.24 -3.15
CA MET B 28 22.22 0.54 -2.92
C MET B 28 23.08 1.15 -1.81
N LYS B 29 22.86 2.44 -1.55
CA LYS B 29 23.73 3.15 -0.61
C LYS B 29 23.29 2.83 0.83
N LYS B 30 22.02 2.45 0.97
CA LYS B 30 21.50 1.85 2.20
C LYS B 30 21.69 0.33 2.35
N GLN B 31 22.28 -0.34 1.36
CA GLN B 31 22.74 -1.72 1.57
C GLN B 31 24.16 -1.74 2.15
N PRO B 32 24.26 -2.24 3.39
CA PRO B 32 25.54 -2.37 4.09
C PRO B 32 26.56 -3.27 3.39
N ASP B 33 26.14 -4.48 3.07
CA ASP B 33 27.08 -5.51 2.67
C ASP B 33 27.21 -5.60 1.16
N ILE B 34 26.38 -4.96 0.36
CA ILE B 34 26.39 -5.25 -1.09
C ILE B 34 26.43 -4.00 -1.97
N THR B 35 26.81 -4.16 -3.24
CA THR B 35 27.19 -3.01 -4.06
C THR B 35 26.70 -3.09 -5.50
N ASN B 36 26.71 -1.95 -6.19
CA ASN B 36 26.28 -1.91 -7.60
C ASN B 36 27.06 -2.96 -8.39
N SER B 37 28.31 -3.17 -8.02
CA SER B 37 29.18 -4.04 -8.79
C SER B 37 28.87 -5.52 -8.58
N MET B 38 28.43 -5.88 -7.37
CA MET B 38 27.98 -7.22 -7.02
C MET B 38 26.62 -7.52 -7.65
N ARG B 39 25.77 -6.49 -7.73
CA ARG B 39 24.49 -6.56 -8.43
C ARG B 39 24.71 -6.74 -9.92
N ALA B 40 25.82 -6.21 -10.41
CA ALA B 40 26.15 -6.43 -11.83
C ALA B 40 26.67 -7.86 -12.10
N ILE B 41 27.47 -8.40 -11.21
CA ILE B 41 27.72 -9.83 -11.28
C ILE B 41 26.43 -10.66 -11.33
N LEU B 42 25.42 -10.29 -10.55
CA LEU B 42 24.26 -11.17 -10.33
C LEU B 42 23.44 -11.11 -11.61
N VAL B 43 23.15 -9.91 -12.09
CA VAL B 43 22.41 -9.79 -13.33
C VAL B 43 23.04 -10.41 -14.59
N ASP B 44 24.34 -10.20 -14.76
CA ASP B 44 25.08 -10.88 -15.80
C ASP B 44 24.91 -12.38 -15.75
N TRP B 45 25.05 -12.88 -14.54
CA TRP B 45 24.83 -14.29 -14.30
C TRP B 45 23.42 -14.73 -14.66
N LEU B 46 22.43 -13.90 -14.37
CA LEU B 46 21.10 -14.35 -14.75
C LEU B 46 20.99 -14.44 -16.26
N VAL B 47 21.76 -13.64 -16.99
CA VAL B 47 21.59 -13.52 -18.42
C VAL B 47 22.15 -14.81 -18.95
N GLU B 48 23.21 -15.31 -18.30
CA GLU B 48 23.75 -16.62 -18.68
C GLU B 48 22.75 -17.73 -18.39
N VAL B 49 22.27 -17.79 -17.16
CA VAL B 49 21.30 -18.78 -16.75
C VAL B 49 20.14 -18.81 -17.74
N GLY B 50 19.67 -17.64 -18.17
CA GLY B 50 18.59 -17.55 -19.14
C GLY B 50 18.95 -18.15 -20.48
N GLU B 51 20.17 -17.88 -20.93
CA GLU B 51 20.69 -18.53 -22.12
C GLU B 51 20.88 -20.07 -22.02
N GLU B 52 21.31 -20.56 -20.86
CA GLU B 52 21.46 -22.00 -20.62
C GLU B 52 20.14 -22.74 -20.76
N TYR B 53 19.08 -22.21 -20.17
CA TYR B 53 17.83 -22.97 -20.03
C TYR B 53 16.82 -22.47 -21.04
N LYS B 54 17.29 -21.62 -21.98
CA LYS B 54 16.55 -21.07 -23.12
C LYS B 54 15.32 -20.25 -22.71
N LEU B 55 15.48 -19.40 -21.71
CA LEU B 55 14.33 -18.69 -21.14
C LEU B 55 14.13 -17.50 -22.05
N GLN B 56 12.93 -16.95 -22.04
CA GLN B 56 12.62 -15.72 -22.74
C GLN B 56 13.26 -14.53 -22.10
N ASN B 57 13.39 -13.49 -22.91
CA ASN B 57 14.00 -12.24 -22.44
C ASN B 57 13.12 -11.55 -21.43
N GLU B 58 11.80 -11.64 -21.56
CA GLU B 58 10.94 -11.03 -20.56
C GLU B 58 11.22 -11.52 -19.12
N THR B 59 11.54 -12.81 -19.06
CA THR B 59 11.72 -13.49 -17.79
C THR B 59 12.85 -12.81 -17.09
N LEU B 60 13.91 -12.59 -17.86
CA LEU B 60 15.09 -11.88 -17.35
C LEU B 60 14.71 -10.49 -16.84
N HIS B 61 13.97 -9.70 -17.60
CA HIS B 61 13.75 -8.37 -17.10
C HIS B 61 12.89 -8.46 -15.84
N LEU B 62 11.96 -9.40 -15.79
CA LEU B 62 11.05 -9.42 -14.67
C LEU B 62 11.83 -9.81 -13.39
N ALA B 63 12.69 -10.81 -13.53
CA ALA B 63 13.60 -11.19 -12.47
C ALA B 63 14.38 -9.99 -11.96
N VAL B 64 14.87 -9.14 -12.86
CA VAL B 64 15.63 -8.00 -12.39
C VAL B 64 14.76 -7.00 -11.66
N ASN B 65 13.56 -6.75 -12.14
CA ASN B 65 12.62 -5.92 -11.39
C ASN B 65 12.30 -6.44 -9.96
N TYR B 66 12.15 -7.75 -9.84
CA TYR B 66 11.90 -8.35 -8.52
C TYR B 66 13.06 -8.12 -7.59
N ILE B 67 14.28 -8.22 -8.11
CA ILE B 67 15.47 -8.13 -7.29
C ILE B 67 15.58 -6.70 -6.79
N ASP B 68 15.31 -5.76 -7.65
CA ASP B 68 15.45 -4.37 -7.25
C ASP B 68 14.40 -3.96 -6.23
N ARG B 69 13.17 -4.43 -6.38
CA ARG B 69 12.12 -3.95 -5.46
C ARG B 69 12.38 -4.59 -4.12
N PHE B 70 12.81 -5.85 -4.14
CA PHE B 70 13.08 -6.60 -2.94
C PHE B 70 14.23 -5.97 -2.17
N LEU B 71 15.30 -5.63 -2.89
CA LEU B 71 16.44 -4.93 -2.30
C LEU B 71 16.15 -3.49 -1.86
N SER B 72 15.00 -2.97 -2.28
CA SER B 72 14.60 -1.63 -1.88
C SER B 72 14.10 -1.60 -0.47
N SER B 73 13.45 -2.67 -0.04
CA SER B 73 12.90 -2.82 1.32
C SER B 73 13.82 -3.66 2.20
N MET B 74 14.49 -4.67 1.63
CA MET B 74 15.15 -5.72 2.41
C MET B 74 16.68 -5.69 2.32
N SER B 75 17.36 -5.63 3.45
CA SER B 75 18.81 -5.77 3.44
C SER B 75 19.30 -7.20 3.43
N VAL B 76 20.34 -7.43 2.63
CA VAL B 76 20.78 -8.78 2.27
C VAL B 76 22.31 -8.83 2.34
N LEU B 77 22.81 -9.84 3.04
CA LEU B 77 24.23 -10.19 3.00
C LEU B 77 24.69 -10.71 1.64
N ARG B 78 25.97 -10.53 1.32
CA ARG B 78 26.48 -10.99 0.05
C ARG B 78 26.26 -12.48 -0.11
N GLY B 79 26.39 -13.23 0.99
CA GLY B 79 26.25 -14.68 0.95
C GLY B 79 24.87 -15.09 0.47
N LYS B 80 23.93 -14.15 0.48
CA LYS B 80 22.53 -14.46 0.23
C LYS B 80 22.02 -13.73 -1.00
N LEU B 81 22.76 -12.78 -1.57
CA LEU B 81 22.29 -12.18 -2.80
C LEU B 81 21.88 -13.13 -3.95
N GLN B 82 22.66 -14.18 -4.14
CA GLN B 82 22.43 -15.07 -5.26
C GLN B 82 21.16 -15.89 -4.97
N LEU B 83 20.93 -16.22 -3.71
CA LEU B 83 19.68 -16.85 -3.33
C LEU B 83 18.48 -15.90 -3.59
N VAL B 84 18.65 -14.60 -3.34
CA VAL B 84 17.64 -13.65 -3.78
C VAL B 84 17.49 -13.67 -5.28
N GLY B 85 18.60 -13.69 -6.00
CA GLY B 85 18.55 -13.73 -7.44
C GLY B 85 17.85 -14.96 -7.99
N THR B 86 18.08 -16.11 -7.35
CA THR B 86 17.63 -17.37 -7.89
C THR B 86 16.12 -17.49 -7.68
N ALA B 87 15.63 -16.94 -6.61
CA ALA B 87 14.23 -17.07 -6.36
C ALA B 87 13.52 -16.06 -7.22
N ALA B 88 14.07 -14.88 -7.38
CA ALA B 88 13.53 -14.00 -8.43
C ALA B 88 13.37 -14.70 -9.78
N MET B 89 14.45 -15.32 -10.23
CA MET B 89 14.39 -16.03 -11.52
C MET B 89 13.39 -17.21 -11.63
N LEU B 90 13.25 -17.98 -10.56
CA LEU B 90 12.16 -18.91 -10.41
C LEU B 90 10.77 -18.30 -10.51
N LEU B 91 10.55 -17.29 -9.69
CA LEU B 91 9.28 -16.63 -9.77
C LEU B 91 9.02 -16.06 -11.17
N ALA B 92 9.98 -15.37 -11.74
CA ALA B 92 9.75 -14.80 -13.07
C ALA B 92 9.38 -15.89 -14.06
N SER B 93 9.96 -17.08 -13.92
CA SER B 93 9.79 -18.10 -14.96
C SER B 93 8.40 -18.68 -14.84
N LYS B 94 7.98 -18.80 -13.60
CA LYS B 94 6.65 -19.26 -13.23
C LYS B 94 5.62 -18.28 -13.79
N PHE B 95 5.96 -17.01 -13.87
CA PHE B 95 4.97 -16.07 -14.32
C PHE B 95 4.93 -16.11 -15.85
N GLU B 96 6.13 -16.16 -16.45
CA GLU B 96 6.28 -15.74 -17.82
C GLU B 96 6.46 -16.92 -18.72
N GLU B 97 7.07 -18.00 -18.23
CA GLU B 97 7.34 -19.16 -19.07
C GLU B 97 6.18 -20.14 -19.16
N ILE B 98 6.13 -20.89 -20.23
CA ILE B 98 5.06 -21.84 -20.45
C ILE B 98 5.37 -23.04 -19.58
N TYR B 99 6.63 -23.50 -19.59
CA TYR B 99 7.12 -24.43 -18.57
C TYR B 99 8.41 -24.01 -17.87
N PRO B 100 8.33 -23.66 -16.59
CA PRO B 100 9.52 -23.30 -15.81
C PRO B 100 10.41 -24.50 -15.54
N PRO B 101 11.72 -24.28 -15.53
CA PRO B 101 12.63 -25.31 -15.05
C PRO B 101 12.20 -25.65 -13.62
N GLU B 102 12.41 -26.89 -13.19
CA GLU B 102 11.99 -27.36 -11.88
C GLU B 102 12.83 -26.70 -10.81
N VAL B 103 12.36 -26.70 -9.57
CA VAL B 103 13.15 -26.06 -8.52
C VAL B 103 14.58 -26.61 -8.49
N ALA B 104 14.71 -27.90 -8.81
CA ALA B 104 15.96 -28.63 -8.62
C ALA B 104 17.01 -27.94 -9.47
N GLU B 105 16.56 -27.50 -10.66
CA GLU B 105 17.42 -26.88 -11.67
C GLU B 105 17.89 -25.50 -11.24
N PHE B 106 17.05 -24.82 -10.50
CA PHE B 106 17.43 -23.61 -9.84
C PHE B 106 18.43 -23.81 -8.70
N VAL B 107 18.29 -24.86 -7.90
CA VAL B 107 19.39 -25.29 -7.04
C VAL B 107 20.66 -25.61 -7.87
N TYR B 108 20.52 -26.44 -8.89
CA TYR B 108 21.70 -26.90 -9.64
C TYR B 108 22.57 -25.73 -10.11
N ILE B 109 21.98 -24.62 -10.57
CA ILE B 109 22.73 -23.59 -11.31
C ILE B 109 23.55 -22.71 -10.35
N THR B 110 23.32 -22.87 -9.05
CA THR B 110 24.18 -22.23 -8.08
C THR B 110 25.30 -23.12 -7.60
N ASP B 111 25.35 -24.35 -8.11
CA ASP B 111 26.42 -25.27 -7.77
C ASP B 111 26.10 -25.79 -6.37
N ASP B 112 24.81 -26.07 -6.16
CA ASP B 112 24.32 -26.71 -4.96
C ASP B 112 24.72 -25.96 -3.68
N THR B 113 24.72 -24.63 -3.70
CA THR B 113 25.12 -23.93 -2.49
C THR B 113 23.95 -23.68 -1.55
N TYR B 114 22.77 -23.59 -2.14
CA TYR B 114 21.58 -23.44 -1.31
C TYR B 114 20.75 -24.68 -1.46
N THR B 115 19.98 -24.99 -0.45
CA THR B 115 19.06 -26.10 -0.64
C THR B 115 17.79 -25.72 -1.38
N LYS B 116 17.15 -26.73 -1.96
CA LYS B 116 15.79 -26.58 -2.47
C LYS B 116 14.90 -25.91 -1.43
N LYS B 117 15.03 -26.33 -0.19
CA LYS B 117 14.14 -25.77 0.80
C LYS B 117 14.50 -24.30 1.06
N GLN B 118 15.78 -23.97 1.03
CA GLN B 118 16.11 -22.57 1.15
C GLN B 118 15.48 -21.78 0.04
N VAL B 119 15.69 -22.23 -1.20
CA VAL B 119 15.23 -21.49 -2.39
C VAL B 119 13.70 -21.29 -2.39
N LEU B 120 12.98 -22.34 -1.98
CA LEU B 120 11.55 -22.28 -1.84
C LEU B 120 11.12 -21.33 -0.72
N ARG B 121 11.83 -21.32 0.42
CA ARG B 121 11.53 -20.37 1.50
C ARG B 121 11.82 -18.93 1.03
N MET B 122 12.82 -18.76 0.20
CA MET B 122 13.06 -17.42 -0.33
C MET B 122 12.04 -17.06 -1.39
N GLU B 123 11.54 -18.03 -2.16
CA GLU B 123 10.41 -17.72 -3.06
C GLU B 123 9.20 -17.09 -2.30
N HIS B 124 8.84 -17.76 -1.23
CA HIS B 124 7.77 -17.32 -0.34
C HIS B 124 8.00 -15.89 0.13
N LEU B 125 9.22 -15.60 0.57
CA LEU B 125 9.54 -14.30 1.15
C LEU B 125 9.62 -13.21 0.10
N VAL B 126 10.07 -13.57 -1.11
CA VAL B 126 9.97 -12.61 -2.20
C VAL B 126 8.51 -12.26 -2.52
N LEU B 127 7.60 -13.23 -2.53
CA LEU B 127 6.23 -12.85 -2.84
C LEU B 127 5.66 -11.92 -1.75
N LYS B 128 6.04 -12.15 -0.49
CA LYS B 128 5.45 -11.39 0.63
C LYS B 128 5.85 -9.94 0.56
N VAL B 129 7.12 -9.67 0.22
CA VAL B 129 7.64 -8.32 0.16
C VAL B 129 7.17 -7.59 -1.09
N LEU B 130 6.97 -8.37 -2.14
CA LEU B 130 6.40 -7.83 -3.38
C LEU B 130 4.87 -7.79 -3.35
N THR B 131 4.29 -8.32 -2.26
CA THR B 131 2.83 -8.39 -2.15
C THR B 131 2.21 -8.99 -3.41
N PHE B 132 2.79 -10.07 -3.90
CA PHE B 132 2.30 -10.86 -5.02
C PHE B 132 2.10 -9.97 -6.25
N ASP B 133 2.82 -8.86 -6.34
CA ASP B 133 2.66 -8.01 -7.49
C ASP B 133 3.76 -8.27 -8.51
N LEU B 134 3.51 -9.22 -9.39
CA LEU B 134 4.58 -9.65 -10.26
C LEU B 134 4.41 -9.21 -11.71
N ALA B 135 3.37 -8.44 -12.03
CA ALA B 135 3.12 -8.15 -13.44
C ALA B 135 3.68 -6.75 -13.72
N ALA B 136 4.98 -6.61 -13.49
CA ALA B 136 5.68 -5.36 -13.68
C ALA B 136 5.93 -5.04 -15.16
N PRO B 137 5.73 -3.78 -15.55
CA PRO B 137 6.21 -3.37 -16.87
C PRO B 137 7.72 -3.33 -17.00
N THR B 138 8.23 -3.90 -18.09
CA THR B 138 9.63 -3.85 -18.43
C THR B 138 9.94 -3.05 -19.68
N VAL B 139 11.25 -2.74 -19.84
CA VAL B 139 11.82 -2.19 -21.07
C VAL B 139 11.41 -3.03 -22.25
N ASN B 140 11.45 -4.34 -22.08
CA ASN B 140 11.13 -5.32 -23.13
C ASN B 140 9.68 -5.18 -23.58
N GLN B 141 8.81 -4.88 -22.63
CA GLN B 141 7.39 -4.71 -22.93
C GLN B 141 7.23 -3.43 -23.72
N PHE B 142 7.69 -2.31 -23.18
CA PHE B 142 7.68 -1.06 -23.91
C PHE B 142 8.33 -1.13 -25.31
N LEU B 143 9.50 -1.74 -25.47
CA LEU B 143 10.10 -1.82 -26.80
C LEU B 143 9.21 -2.48 -27.83
N THR B 144 8.68 -3.65 -27.48
CA THR B 144 7.69 -4.37 -28.28
C THR B 144 6.48 -3.54 -28.78
N GLN B 145 5.83 -2.79 -27.90
CA GLN B 145 4.85 -1.79 -28.36
C GLN B 145 5.49 -0.77 -29.31
N TYR B 146 6.66 -0.24 -28.95
CA TYR B 146 7.26 0.79 -29.77
C TYR B 146 7.47 0.20 -31.13
N PHE B 147 7.97 -1.03 -31.22
CA PHE B 147 8.31 -1.63 -32.53
C PHE B 147 7.14 -1.63 -33.50
N LEU B 148 5.91 -1.63 -32.98
CA LEU B 148 4.75 -1.35 -33.80
C LEU B 148 4.74 -0.07 -34.65
N HIS B 149 5.63 0.87 -34.38
CA HIS B 149 5.58 2.22 -34.96
C HIS B 149 6.79 2.42 -35.89
N GLN B 150 7.53 1.34 -36.09
CA GLN B 150 8.66 1.29 -37.04
C GLN B 150 8.16 1.34 -38.50
N GLN B 151 8.72 2.23 -39.32
CA GLN B 151 8.02 2.67 -40.54
C GLN B 151 8.09 1.84 -41.83
N PRO B 152 9.26 1.35 -42.23
CA PRO B 152 9.37 -0.09 -42.44
C PRO B 152 10.03 -0.81 -41.25
N ALA B 153 9.54 -1.99 -40.90
CA ALA B 153 10.17 -2.79 -39.87
C ALA B 153 11.55 -3.28 -40.32
N ASN B 154 12.42 -3.51 -39.33
CA ASN B 154 13.83 -3.74 -39.58
C ASN B 154 14.31 -4.50 -38.37
N CYS B 155 14.64 -5.77 -38.55
CA CYS B 155 14.87 -6.63 -37.41
C CYS B 155 16.31 -6.54 -36.87
N LYS B 156 17.17 -5.79 -37.55
CA LYS B 156 18.40 -5.33 -36.91
C LYS B 156 18.19 -4.22 -35.86
N VAL B 157 17.27 -3.29 -36.14
CA VAL B 157 16.91 -2.26 -35.17
C VAL B 157 16.31 -2.93 -33.94
N GLU B 158 15.38 -3.83 -34.19
CA GLU B 158 14.69 -4.56 -33.14
C GLU B 158 15.70 -5.27 -32.24
N SER B 159 16.57 -6.09 -32.83
CA SER B 159 17.63 -6.72 -32.04
C SER B 159 18.51 -5.73 -31.29
N LEU B 160 18.82 -4.60 -31.90
CA LEU B 160 19.91 -3.80 -31.36
C LEU B 160 19.35 -3.06 -30.16
N ALA B 161 18.12 -2.60 -30.25
CA ALA B 161 17.40 -2.05 -29.09
C ALA B 161 17.22 -2.99 -27.91
N MET B 162 16.77 -4.21 -28.17
CA MET B 162 16.83 -5.26 -27.14
C MET B 162 18.19 -5.36 -26.45
N PHE B 163 19.23 -5.26 -27.25
CA PHE B 163 20.57 -5.39 -26.69
C PHE B 163 20.82 -4.25 -25.72
N LEU B 164 20.46 -3.04 -26.13
CA LEU B 164 20.68 -1.88 -25.30
C LEU B 164 19.83 -1.96 -24.05
N GLY B 165 18.64 -2.50 -24.18
CA GLY B 165 17.77 -2.52 -23.04
C GLY B 165 18.30 -3.51 -22.04
N GLU B 166 18.66 -4.71 -22.48
CA GLU B 166 19.33 -5.62 -21.55
C GLU B 166 20.59 -5.02 -20.88
N LEU B 167 21.37 -4.22 -21.61
CA LEU B 167 22.57 -3.59 -21.05
C LEU B 167 22.21 -2.67 -19.90
N SER B 168 21.01 -2.10 -19.91
CA SER B 168 20.60 -1.19 -18.84
C SER B 168 20.24 -1.94 -17.54
N LEU B 169 20.01 -3.22 -17.69
CA LEU B 169 19.69 -4.06 -16.57
C LEU B 169 20.90 -4.15 -15.65
N ILE B 170 22.10 -4.02 -16.21
CA ILE B 170 23.33 -4.45 -15.54
C ILE B 170 23.80 -3.40 -14.53
N ASP B 171 23.56 -2.14 -14.89
CA ASP B 171 24.14 -0.99 -14.20
C ASP B 171 23.04 -0.19 -13.51
N ALA B 172 22.94 -0.42 -12.20
CA ALA B 172 21.94 0.22 -11.35
C ALA B 172 21.94 1.74 -11.32
N ASP B 173 23.10 2.28 -10.96
CA ASP B 173 23.51 3.65 -11.26
C ASP B 173 24.24 3.58 -12.59
N PRO B 174 23.76 4.28 -13.61
CA PRO B 174 22.69 5.29 -13.54
C PRO B 174 21.26 4.73 -13.70
N TYR B 175 21.06 3.51 -14.20
CA TYR B 175 19.79 3.24 -14.90
C TYR B 175 18.51 3.17 -14.02
N LEU B 176 18.63 3.01 -12.71
CA LEU B 176 17.48 3.08 -11.84
C LEU B 176 16.75 4.42 -11.85
N LYS B 177 17.37 5.50 -12.29
CA LYS B 177 16.74 6.81 -12.25
C LYS B 177 15.71 6.90 -13.37
N TYR B 178 15.83 6.01 -14.34
CA TYR B 178 14.91 6.08 -15.46
C TYR B 178 13.81 5.02 -15.38
N LEU B 179 12.60 5.44 -15.72
CA LEU B 179 11.52 4.52 -16.01
C LEU B 179 11.86 3.62 -17.19
N PRO B 180 11.25 2.44 -17.19
CA PRO B 180 11.40 1.50 -18.31
C PRO B 180 10.89 2.08 -19.61
N SER B 181 9.85 2.89 -19.54
CA SER B 181 9.37 3.52 -20.78
C SER B 181 10.34 4.52 -21.40
N VAL B 182 11.24 5.06 -20.57
CA VAL B 182 12.19 6.04 -21.05
C VAL B 182 13.46 5.33 -21.48
N ILE B 183 13.85 4.37 -20.66
CA ILE B 183 14.94 3.53 -21.08
C ILE B 183 14.77 3.00 -22.51
N ALA B 184 13.52 2.82 -22.91
CA ALA B 184 13.16 2.06 -24.09
C ALA B 184 13.01 3.01 -25.27
N GLY B 185 12.51 4.20 -24.96
CA GLY B 185 12.67 5.35 -25.84
C GLY B 185 14.11 5.63 -26.25
N ALA B 186 15.01 5.73 -25.28
CA ALA B 186 16.44 5.82 -25.55
C ALA B 186 16.93 4.66 -26.42
N ALA B 187 16.58 3.44 -26.02
CA ALA B 187 17.20 2.30 -26.68
C ALA B 187 16.72 2.27 -28.11
N PHE B 188 15.43 2.57 -28.31
CA PHE B 188 14.80 2.47 -29.63
C PHE B 188 15.45 3.50 -30.57
N HIS B 189 15.56 4.73 -30.08
CA HIS B 189 16.12 5.81 -30.87
C HIS B 189 17.56 5.47 -31.15
N LEU B 190 18.33 5.21 -30.09
CA LEU B 190 19.71 4.76 -30.27
C LEU B 190 19.91 3.64 -31.30
N ALA B 191 19.10 2.59 -31.22
CA ALA B 191 19.23 1.45 -32.12
C ALA B 191 18.83 1.84 -33.54
N LEU B 192 17.77 2.64 -33.65
CA LEU B 192 17.33 3.24 -34.89
C LEU B 192 18.39 4.09 -35.61
N TYR B 193 18.75 5.19 -34.96
CA TYR B 193 19.94 5.93 -35.31
C TYR B 193 21.10 5.10 -35.81
N THR B 194 21.56 4.17 -34.99
CA THR B 194 22.77 3.41 -35.29
C THR B 194 22.68 2.60 -36.59
N VAL B 195 21.49 2.07 -36.90
CA VAL B 195 21.36 1.16 -38.04
C VAL B 195 21.09 1.92 -39.34
N THR B 196 20.25 2.93 -39.32
CA THR B 196 19.76 3.58 -40.53
C THR B 196 20.04 5.08 -40.48
N GLY B 197 20.41 5.62 -39.33
CA GLY B 197 20.61 7.04 -39.17
C GLY B 197 19.35 7.87 -38.97
N GLN B 198 18.17 7.28 -39.15
CA GLN B 198 16.93 7.92 -38.70
C GLN B 198 16.82 8.00 -37.16
N SER B 199 15.70 8.56 -36.71
CA SER B 199 15.55 9.10 -35.37
C SER B 199 14.15 8.87 -34.79
N TRP B 200 14.02 9.03 -33.47
CA TRP B 200 12.80 8.76 -32.69
C TRP B 200 11.58 9.45 -33.27
N PRO B 201 10.64 8.66 -33.80
CA PRO B 201 9.67 9.13 -34.80
C PRO B 201 8.50 9.86 -34.18
N GLU B 202 7.83 10.75 -34.92
CA GLU B 202 6.73 11.56 -34.41
C GLU B 202 5.56 10.71 -33.93
N SER B 203 5.29 9.58 -34.58
CA SER B 203 4.28 8.65 -34.05
C SER B 203 4.37 8.54 -32.54
N LEU B 204 5.59 8.28 -32.07
CA LEU B 204 5.85 7.81 -30.72
C LEU B 204 6.02 8.99 -29.81
N ILE B 205 6.35 10.14 -30.41
CA ILE B 205 6.45 11.39 -29.70
C ILE B 205 5.08 11.78 -29.18
N ARG B 206 4.05 11.46 -29.95
CA ARG B 206 2.72 11.94 -29.60
C ARG B 206 2.03 10.88 -28.78
N LYS B 207 2.39 9.62 -28.99
CA LYS B 207 1.83 8.53 -28.19
C LYS B 207 2.39 8.59 -26.77
N THR B 208 3.71 8.78 -26.67
CA THR B 208 4.37 8.64 -25.38
C THR B 208 4.40 9.99 -24.73
N GLY B 209 4.36 11.02 -25.56
CA GLY B 209 4.49 12.37 -25.05
C GLY B 209 5.94 12.66 -24.77
N TYR B 210 6.87 11.77 -25.14
CA TYR B 210 8.30 12.08 -25.00
C TYR B 210 8.90 12.72 -26.26
N THR B 211 9.49 13.90 -26.11
CA THR B 211 10.27 14.52 -27.18
C THR B 211 11.66 13.91 -27.19
N LEU B 212 12.27 13.91 -28.36
CA LEU B 212 13.67 13.51 -28.41
C LEU B 212 14.43 14.11 -27.23
N GLU B 213 14.15 15.35 -26.91
CA GLU B 213 15.01 16.10 -26.01
C GLU B 213 14.78 15.72 -24.52
N SER B 214 13.53 15.51 -24.13
CA SER B 214 13.26 14.76 -22.90
C SER B 214 14.01 13.43 -22.75
N LEU B 215 14.33 12.77 -23.87
CA LEU B 215 15.10 11.53 -23.78
C LEU B 215 16.59 11.79 -23.63
N LYS B 216 16.98 13.03 -23.85
CA LYS B 216 18.39 13.30 -24.13
C LYS B 216 19.25 12.72 -23.00
N PRO B 217 18.97 13.01 -21.74
CA PRO B 217 19.83 12.56 -20.63
C PRO B 217 20.05 11.03 -20.58
N CYS B 218 18.94 10.30 -20.55
CA CYS B 218 19.00 8.83 -20.72
C CYS B 218 19.77 8.30 -21.94
N LEU B 219 19.48 8.85 -23.11
CA LEU B 219 20.33 8.66 -24.29
C LEU B 219 21.82 8.88 -24.09
N MET B 220 22.18 9.92 -23.36
CA MET B 220 23.60 10.17 -23.15
C MET B 220 24.19 9.05 -22.32
N ASP B 221 23.46 8.59 -21.31
CA ASP B 221 23.98 7.55 -20.43
C ASP B 221 24.12 6.23 -21.19
N LEU B 222 23.15 5.97 -22.06
CA LEU B 222 23.09 4.73 -22.81
C LEU B 222 24.06 4.72 -24.00
N HIS B 223 24.31 5.89 -24.60
CA HIS B 223 25.41 6.02 -25.56
C HIS B 223 26.79 5.63 -25.02
N GLN B 224 27.11 6.17 -23.84
CA GLN B 224 28.32 5.77 -23.16
C GLN B 224 28.44 4.28 -22.87
N THR B 225 27.35 3.68 -22.39
CA THR B 225 27.40 2.25 -22.06
C THR B 225 27.65 1.54 -23.36
N TYR B 226 26.96 2.00 -24.41
CA TYR B 226 27.12 1.34 -25.70
C TYR B 226 28.56 1.42 -26.25
N LEU B 227 29.18 2.58 -26.17
CA LEU B 227 30.63 2.73 -26.40
C LEU B 227 31.57 1.89 -25.55
N LYS B 228 31.28 1.85 -24.25
CA LYS B 228 32.08 1.14 -23.26
C LYS B 228 31.86 -0.37 -23.14
N ALA B 229 30.90 -0.91 -23.90
CA ALA B 229 30.47 -2.29 -23.65
C ALA B 229 31.60 -3.32 -23.80
N PRO B 230 32.39 -3.22 -24.86
CA PRO B 230 33.52 -4.14 -25.07
C PRO B 230 34.43 -4.27 -23.84
N GLN B 231 34.46 -3.21 -23.02
CA GLN B 231 35.41 -3.01 -21.92
C GLN B 231 34.86 -3.47 -20.56
N HIS B 232 33.54 -3.68 -20.50
CA HIS B 232 32.84 -3.78 -19.23
C HIS B 232 33.31 -5.10 -18.62
N ALA B 233 33.32 -5.13 -17.29
CA ALA B 233 33.64 -6.34 -16.54
C ALA B 233 32.72 -7.51 -16.87
N GLN B 234 31.59 -7.19 -17.50
CA GLN B 234 30.46 -8.11 -17.60
C GLN B 234 30.07 -8.22 -19.07
N GLN B 235 29.97 -9.44 -19.55
CA GLN B 235 30.11 -9.73 -20.98
C GLN B 235 29.03 -10.64 -21.52
N SER B 236 28.11 -11.07 -20.66
CA SER B 236 27.23 -12.17 -21.01
C SER B 236 26.25 -11.69 -22.09
N ILE B 237 25.92 -10.42 -22.04
CA ILE B 237 24.89 -9.95 -22.91
C ILE B 237 25.51 -9.71 -24.30
N ARG B 238 26.69 -9.12 -24.36
CA ARG B 238 27.45 -9.09 -25.61
C ARG B 238 27.64 -10.46 -26.27
N GLU B 239 27.96 -11.48 -25.48
CA GLU B 239 28.17 -12.82 -26.03
C GLU B 239 26.87 -13.47 -26.41
N LYS B 240 25.76 -12.94 -25.89
CA LYS B 240 24.44 -13.46 -26.25
C LYS B 240 24.04 -12.88 -27.59
N TYR B 241 24.44 -11.63 -27.80
CA TYR B 241 23.95 -10.90 -28.94
C TYR B 241 24.88 -10.96 -30.17
N LYS B 242 25.91 -11.79 -30.16
CA LYS B 242 26.59 -12.28 -31.37
C LYS B 242 25.90 -13.43 -32.12
N ASN B 243 24.83 -14.01 -31.59
CA ASN B 243 24.20 -15.16 -32.23
C ASN B 243 23.63 -14.62 -33.54
N SER B 244 23.65 -15.45 -34.58
CA SER B 244 22.83 -15.18 -35.77
C SER B 244 21.37 -14.98 -35.42
N LYS B 245 20.90 -15.53 -34.31
CA LYS B 245 19.54 -15.28 -33.84
C LYS B 245 19.34 -13.78 -33.79
N TYR B 246 20.36 -13.04 -33.37
CA TYR B 246 20.20 -11.61 -33.11
C TYR B 246 20.92 -10.75 -34.14
N HIS B 247 21.29 -11.35 -35.28
CA HIS B 247 21.90 -10.66 -36.41
C HIS B 247 23.28 -10.04 -36.12
N GLY B 248 24.01 -10.75 -35.25
CA GLY B 248 25.07 -10.18 -34.43
C GLY B 248 25.15 -8.65 -34.27
N VAL B 249 24.04 -8.04 -33.91
CA VAL B 249 24.04 -6.59 -33.77
C VAL B 249 25.12 -6.11 -32.82
N SER B 250 25.61 -6.98 -31.95
CA SER B 250 26.54 -6.55 -30.89
C SER B 250 27.93 -6.55 -31.49
N LEU B 251 28.04 -7.01 -32.74
CA LEU B 251 29.24 -6.79 -33.52
C LEU B 251 29.32 -5.41 -34.17
N LEU B 252 28.22 -4.96 -34.77
CA LEU B 252 28.06 -3.56 -35.19
C LEU B 252 28.80 -2.50 -34.42
N ASN B 253 28.83 -1.34 -35.05
CA ASN B 253 29.72 -0.26 -34.65
C ASN B 253 29.04 0.99 -34.08
N PRO B 254 29.19 1.25 -32.78
CA PRO B 254 28.46 2.34 -32.14
C PRO B 254 28.81 3.62 -32.82
N PRO B 255 27.89 4.55 -32.98
CA PRO B 255 28.23 5.87 -33.55
C PRO B 255 28.98 6.72 -32.52
N GLU B 256 30.06 7.38 -32.92
CA GLU B 256 30.76 8.14 -31.90
C GLU B 256 30.07 9.45 -31.56
N THR B 257 29.10 9.89 -32.33
CA THR B 257 28.36 11.07 -31.91
C THR B 257 26.91 10.93 -32.25
N LEU B 258 26.12 11.70 -31.53
CA LEU B 258 24.69 11.49 -31.47
C LEU B 258 23.92 12.61 -32.16
N ASN B 259 24.56 13.73 -32.46
CA ASN B 259 23.97 14.68 -33.40
C ASN B 259 22.72 15.29 -32.79
N LEU B 260 22.71 15.54 -31.49
CA LEU B 260 21.49 16.05 -30.88
C LEU B 260 21.33 17.56 -31.09
N MET C 1 7.28 -15.48 11.44
CA MET C 1 8.40 -15.71 12.40
C MET C 1 9.42 -16.88 12.21
N GLU C 2 8.96 -17.97 11.62
CA GLU C 2 9.82 -18.98 11.01
C GLU C 2 11.15 -18.44 10.48
N ASN C 3 11.20 -17.26 9.86
CA ASN C 3 12.44 -16.92 9.15
C ASN C 3 13.46 -16.32 10.11
N PHE C 4 13.11 -16.17 11.38
CA PHE C 4 13.99 -15.44 12.27
C PHE C 4 14.59 -16.34 13.32
N GLN C 5 15.84 -16.07 13.67
CA GLN C 5 16.49 -16.83 14.73
C GLN C 5 17.03 -15.91 15.84
N LYS C 6 16.63 -16.27 17.07
CA LYS C 6 16.85 -15.48 18.28
C LYS C 6 18.32 -15.61 18.69
N VAL C 7 19.09 -14.53 18.55
CA VAL C 7 20.47 -14.54 19.05
C VAL C 7 20.48 -14.28 20.57
N GLU C 8 19.90 -13.19 21.04
CA GLU C 8 19.88 -12.96 22.49
C GLU C 8 18.92 -11.89 22.97
N LYS C 9 18.64 -11.86 24.28
CA LYS C 9 17.90 -10.76 24.91
C LYS C 9 18.82 -9.54 25.04
N ILE C 10 18.33 -8.40 24.55
CA ILE C 10 19.22 -7.28 24.46
C ILE C 10 18.64 -6.16 25.27
N GLY C 11 17.50 -6.43 25.88
CA GLY C 11 16.88 -5.44 26.75
C GLY C 11 15.40 -5.53 27.10
N GLU C 12 14.89 -4.44 27.68
CA GLU C 12 13.49 -4.33 28.10
C GLU C 12 13.08 -2.91 27.76
N GLY C 13 12.13 -2.74 26.86
CA GLY C 13 11.59 -1.42 26.60
C GLY C 13 10.28 -1.35 27.34
N THR C 14 9.40 -0.43 26.96
CA THR C 14 8.27 -0.08 27.81
C THR C 14 7.21 -1.17 28.11
N TYR C 15 7.07 -2.23 27.29
CA TYR C 15 6.59 -3.57 27.77
C TYR C 15 7.50 -4.72 27.33
N GLY C 16 7.55 -4.95 26.02
CA GLY C 16 7.97 -6.24 25.53
C GLY C 16 9.45 -6.32 25.78
N VAL C 17 9.99 -7.53 25.88
CA VAL C 17 11.43 -7.70 25.83
C VAL C 17 11.83 -7.45 24.38
N VAL C 18 12.95 -6.78 24.17
CA VAL C 18 13.65 -6.73 22.88
C VAL C 18 14.75 -7.81 22.69
N TYR C 19 14.74 -8.49 21.54
CA TYR C 19 15.71 -9.54 21.19
C TYR C 19 16.54 -9.12 19.98
N LYS C 20 17.77 -9.61 19.93
CA LYS C 20 18.51 -9.61 18.70
C LYS C 20 18.17 -10.86 17.91
N ALA C 21 18.15 -10.74 16.59
CA ALA C 21 17.74 -11.86 15.81
C ALA C 21 18.28 -11.66 14.43
N ARG C 22 18.47 -12.76 13.72
CA ARG C 22 18.85 -12.65 12.31
C ARG C 22 17.85 -13.36 11.44
N ASN C 23 17.72 -12.82 10.24
CA ASN C 23 16.88 -13.41 9.21
C ASN C 23 17.64 -14.54 8.49
N LYS C 24 17.14 -15.77 8.60
CA LYS C 24 17.84 -16.95 8.12
C LYS C 24 17.94 -16.94 6.60
N LEU C 25 17.10 -16.16 5.95
CA LEU C 25 17.14 -16.12 4.49
C LEU C 25 17.95 -14.97 3.93
N THR C 26 17.76 -13.75 4.40
CA THR C 26 18.64 -12.67 3.98
C THR C 26 19.86 -12.34 4.84
N GLY C 27 19.94 -12.82 6.08
CA GLY C 27 21.06 -12.46 6.93
C GLY C 27 20.98 -11.13 7.66
N GLU C 28 20.02 -10.26 7.31
CA GLU C 28 19.76 -9.05 8.09
C GLU C 28 19.64 -9.34 9.58
N VAL C 29 20.37 -8.56 10.37
CA VAL C 29 20.22 -8.56 11.82
C VAL C 29 19.14 -7.58 12.24
N VAL C 30 18.17 -8.04 13.01
CA VAL C 30 17.09 -7.18 13.41
C VAL C 30 16.88 -7.20 14.92
N ALA C 31 15.99 -6.35 15.44
CA ALA C 31 15.68 -6.37 16.87
C ALA C 31 14.22 -6.66 16.97
N LEU C 32 13.88 -7.70 17.71
CA LEU C 32 12.52 -8.15 17.75
C LEU C 32 11.95 -7.68 19.07
N LYS C 33 11.02 -6.74 19.07
CA LYS C 33 10.15 -6.53 20.25
C LYS C 33 8.96 -7.47 20.38
N LYS C 34 8.98 -8.31 21.41
CA LYS C 34 7.97 -9.34 21.59
C LYS C 34 6.87 -8.86 22.52
N ILE C 35 5.65 -8.77 22.01
CA ILE C 35 4.50 -8.58 22.90
C ILE C 35 3.62 -9.82 23.07
N ARG C 36 3.17 -9.91 24.32
CA ARG C 36 2.43 -11.06 24.81
C ARG C 36 0.93 -10.80 24.82
N LEU C 37 0.17 -11.65 24.12
CA LEU C 37 -1.09 -11.17 23.54
C LEU C 37 -2.44 -11.80 23.95
N ASP C 38 -2.58 -13.09 23.66
CA ASP C 38 -3.46 -13.99 24.40
C ASP C 38 -3.86 -13.23 25.64
N THR C 39 -2.75 -12.77 26.23
CA THR C 39 -2.48 -12.94 27.63
C THR C 39 -2.94 -11.63 28.22
N GLU C 40 -4.02 -11.77 28.98
CA GLU C 40 -4.99 -10.72 29.26
C GLU C 40 -5.90 -10.40 28.09
N THR C 41 -7.17 -10.40 28.43
CA THR C 41 -7.89 -9.13 28.59
C THR C 41 -7.19 -8.00 27.79
N GLU C 42 -7.40 -6.78 28.23
CA GLU C 42 -7.03 -5.57 27.52
C GLU C 42 -6.66 -5.52 26.03
N GLY C 43 -6.31 -6.66 25.42
CA GLY C 43 -6.11 -6.72 23.99
C GLY C 43 -4.76 -6.22 23.55
N VAL C 44 -4.64 -5.52 22.43
CA VAL C 44 -3.29 -5.06 22.06
C VAL C 44 -2.96 -3.83 22.93
N PRO C 45 -1.81 -3.76 23.57
CA PRO C 45 -1.46 -2.61 24.43
C PRO C 45 -1.34 -1.30 23.67
N SER C 46 -1.72 -0.22 24.34
CA SER C 46 -1.78 1.10 23.71
C SER C 46 -0.38 1.61 23.34
N THR C 47 0.64 1.17 24.05
CA THR C 47 1.99 1.55 23.64
C THR C 47 2.27 0.97 22.27
N ALA C 48 1.78 -0.22 21.98
CA ALA C 48 2.12 -0.87 20.73
C ALA C 48 1.31 -0.25 19.56
N ILE C 49 0.03 -0.03 19.80
CA ILE C 49 -0.78 0.79 18.94
C ILE C 49 -0.08 2.11 18.55
N ARG C 50 0.55 2.77 19.52
CA ARG C 50 1.12 4.07 19.25
C ARG C 50 2.45 4.00 18.52
N GLU C 51 3.31 3.09 18.94
CA GLU C 51 4.63 2.98 18.29
C GLU C 51 4.48 2.64 16.81
N ILE C 52 3.50 1.82 16.48
CA ILE C 52 3.46 1.26 15.16
C ILE C 52 2.83 2.27 14.24
N SER C 53 1.71 2.87 14.61
CA SER C 53 1.10 3.92 13.78
C SER C 53 1.99 5.12 13.59
N LEU C 54 2.57 5.59 14.67
CA LEU C 54 3.43 6.76 14.56
C LEU C 54 4.73 6.47 13.83
N LEU C 55 5.30 5.32 14.13
CA LEU C 55 6.63 4.95 13.67
C LEU C 55 6.57 4.57 12.22
N LYS C 56 5.41 4.15 11.77
CA LYS C 56 5.32 3.72 10.39
C LYS C 56 5.15 4.88 9.47
N GLU C 57 4.83 6.03 10.07
CA GLU C 57 4.78 7.30 9.36
C GLU C 57 6.13 8.00 9.28
N LEU C 58 7.04 7.66 10.19
CA LEU C 58 8.27 8.42 10.32
C LEU C 58 9.41 7.65 9.68
N ASN C 59 9.78 8.05 8.47
CA ASN C 59 10.97 7.51 7.85
C ASN C 59 12.08 8.58 7.80
N HIS C 60 13.15 8.33 8.56
CA HIS C 60 14.20 9.32 8.82
C HIS C 60 15.44 8.66 9.40
N PRO C 61 16.59 9.13 8.98
CA PRO C 61 17.84 8.45 9.34
C PRO C 61 18.11 8.42 10.83
N ASN C 62 17.53 9.38 11.54
CA ASN C 62 17.77 9.53 12.96
C ASN C 62 16.62 9.07 13.85
N ILE C 63 15.81 8.16 13.31
CA ILE C 63 14.66 7.54 13.93
C ILE C 63 14.66 6.05 13.50
N VAL C 64 14.52 5.16 14.45
CA VAL C 64 14.65 3.74 14.23
C VAL C 64 13.61 3.30 13.22
N LYS C 65 14.00 2.38 12.35
CA LYS C 65 13.17 1.92 11.26
C LYS C 65 12.38 0.78 11.84
N LEU C 66 11.10 0.93 12.03
CA LEU C 66 10.19 -0.21 12.01
C LEU C 66 10.17 -0.98 10.70
N LEU C 67 10.84 -2.13 10.63
CA LEU C 67 10.82 -2.98 9.46
C LEU C 67 9.53 -3.75 9.14
N ASP C 68 8.89 -4.33 10.13
CA ASP C 68 7.73 -5.13 9.88
C ASP C 68 7.04 -5.43 11.20
N VAL C 69 5.84 -5.97 11.13
CA VAL C 69 5.01 -6.17 12.29
C VAL C 69 4.34 -7.50 12.04
N ILE C 70 4.61 -8.45 12.93
CA ILE C 70 4.15 -9.77 12.63
C ILE C 70 3.10 -10.06 13.65
N HIS C 71 1.96 -10.48 13.13
CA HIS C 71 0.67 -10.10 13.68
C HIS C 71 -0.11 -11.40 13.75
N THR C 72 0.09 -12.19 14.78
CA THR C 72 -0.55 -13.50 14.73
C THR C 72 -1.75 -13.52 15.67
N GLU C 73 -2.30 -14.72 15.87
CA GLU C 73 -3.31 -15.04 16.89
C GLU C 73 -2.91 -14.67 18.33
N ASN C 74 -1.79 -15.17 18.82
CA ASN C 74 -1.43 -14.82 20.20
C ASN C 74 -0.08 -14.13 20.45
N LYS C 75 0.57 -13.61 19.42
CA LYS C 75 1.77 -12.81 19.63
C LYS C 75 1.86 -11.71 18.60
N LEU C 76 2.22 -10.51 19.05
CA LEU C 76 2.65 -9.44 18.17
C LEU C 76 4.15 -9.29 18.32
N TYR C 77 4.83 -9.22 17.19
CA TYR C 77 6.25 -8.96 17.19
C TYR C 77 6.49 -7.72 16.34
N LEU C 78 7.24 -6.80 16.92
CA LEU C 78 7.60 -5.67 16.12
C LEU C 78 9.02 -5.97 15.75
N VAL C 79 9.33 -5.80 14.46
CA VAL C 79 10.68 -5.93 13.97
C VAL C 79 11.33 -4.64 13.48
N PHE C 80 12.56 -4.40 13.92
CA PHE C 80 13.24 -3.11 13.81
C PHE C 80 14.65 -3.37 13.32
N GLU C 81 15.23 -2.37 12.66
CA GLU C 81 16.66 -2.41 12.39
C GLU C 81 17.47 -2.50 13.67
N PHE C 82 18.53 -3.30 13.65
CA PHE C 82 19.34 -3.49 14.85
C PHE C 82 20.38 -2.39 15.02
N LEU C 83 20.50 -1.82 16.22
CA LEU C 83 21.62 -0.93 16.46
C LEU C 83 22.42 -1.49 17.60
N HIS C 84 23.71 -1.21 17.56
CA HIS C 84 24.64 -2.02 18.33
C HIS C 84 24.28 -1.90 19.83
N GLN C 85 23.95 -0.70 20.29
CA GLN C 85 23.65 -0.45 21.71
C GLN C 85 23.04 0.90 21.95
N ASP C 86 22.73 1.17 23.21
CA ASP C 86 22.09 2.39 23.60
C ASP C 86 23.06 3.43 24.20
N LEU C 87 22.60 4.66 24.41
CA LEU C 87 23.44 5.76 24.86
C LEU C 87 23.91 5.58 26.28
N LYS C 88 23.00 5.18 27.16
CA LYS C 88 23.28 4.90 28.58
C LYS C 88 24.46 3.96 28.82
N LYS C 89 24.65 2.98 27.95
CA LYS C 89 25.64 1.95 28.23
C LYS C 89 26.92 2.48 27.62
N PHE C 90 26.78 3.31 26.59
CA PHE C 90 27.95 3.95 25.98
C PHE C 90 28.53 4.96 26.92
N MET C 91 27.67 5.66 27.64
CA MET C 91 28.07 6.71 28.56
C MET C 91 28.76 6.11 29.77
N ASP C 92 28.31 4.93 30.16
CA ASP C 92 28.82 4.35 31.40
C ASP C 92 30.17 3.74 31.08
N ALA C 93 30.31 3.12 29.91
CA ALA C 93 31.61 2.70 29.42
C ALA C 93 32.48 3.85 28.94
N SER C 94 32.02 5.10 29.10
CA SER C 94 32.86 6.26 28.74
C SER C 94 33.09 7.21 29.91
N ALA C 95 32.51 6.84 31.06
CA ALA C 95 32.63 7.62 32.29
C ALA C 95 34.08 7.50 32.70
N LEU C 96 34.71 8.63 33.00
CA LEU C 96 36.16 8.65 33.25
C LEU C 96 36.97 9.04 32.01
N THR C 97 36.75 8.40 30.87
CA THR C 97 37.33 8.92 29.63
C THR C 97 36.61 10.18 29.18
N GLY C 98 35.32 10.24 29.46
CA GLY C 98 34.47 11.23 28.82
C GLY C 98 34.23 10.88 27.36
N ILE C 99 33.02 11.17 26.89
CA ILE C 99 32.74 11.15 25.45
C ILE C 99 33.38 12.33 24.75
N PRO C 100 34.14 12.09 23.70
CA PRO C 100 34.86 13.17 23.03
C PRO C 100 33.80 14.20 22.65
N LEU C 101 34.13 15.47 22.74
CA LEU C 101 33.18 16.54 22.50
C LEU C 101 32.63 16.49 21.06
N PRO C 102 33.51 16.26 20.10
CA PRO C 102 33.06 16.25 18.71
C PRO C 102 31.95 15.24 18.54
N LEU C 103 31.96 14.16 19.30
CA LEU C 103 30.92 13.16 19.15
C LEU C 103 29.62 13.58 19.86
N ILE C 104 29.75 14.33 20.94
CA ILE C 104 28.59 14.97 21.53
C ILE C 104 27.87 15.93 20.57
N LYS C 105 28.62 16.83 19.95
CA LYS C 105 28.03 17.73 18.98
C LYS C 105 27.33 17.00 17.85
N SER C 106 27.90 15.89 17.41
CA SER C 106 27.26 15.08 16.36
C SER C 106 25.95 14.44 16.82
N TYR C 107 26.00 13.79 17.98
CA TYR C 107 24.87 13.09 18.51
C TYR C 107 23.74 14.06 18.72
N LEU C 108 24.02 15.21 19.30
CA LEU C 108 22.98 16.23 19.51
C LEU C 108 22.42 16.69 18.15
N PHE C 109 23.28 16.85 17.17
CA PHE C 109 22.83 17.48 15.93
C PHE C 109 21.88 16.48 15.33
N GLN C 110 22.25 15.20 15.36
CA GLN C 110 21.39 14.12 14.88
C GLN C 110 20.07 14.01 15.63
N LEU C 111 20.12 13.93 16.96
CA LEU C 111 18.90 13.86 17.73
C LEU C 111 17.97 15.04 17.45
N LEU C 112 18.52 16.22 17.17
CA LEU C 112 17.73 17.40 16.85
C LEU C 112 17.13 17.29 15.45
N GLN C 113 17.82 16.66 14.54
CA GLN C 113 17.17 16.46 13.25
C GLN C 113 16.05 15.40 13.33
N GLY C 114 16.31 14.33 14.04
CA GLY C 114 15.23 13.40 14.30
C GLY C 114 14.06 14.00 15.03
N LEU C 115 14.32 14.92 15.94
CA LEU C 115 13.26 15.60 16.68
C LEU C 115 12.48 16.60 15.85
N ALA C 116 13.22 17.42 15.12
CA ALA C 116 12.53 18.36 14.22
C ALA C 116 11.63 17.59 13.24
N PHE C 117 12.08 16.43 12.76
CA PHE C 117 11.20 15.54 12.03
C PHE C 117 9.90 15.16 12.75
N CYS C 118 10.00 14.64 13.97
CA CYS C 118 8.80 14.15 14.63
C CYS C 118 7.83 15.33 14.75
N HIS C 119 8.35 16.45 15.23
CA HIS C 119 7.53 17.60 15.59
C HIS C 119 6.79 18.10 14.37
N SER C 120 7.48 18.07 13.25
CA SER C 120 6.93 18.69 12.07
C SER C 120 5.94 17.69 11.53
N HIS C 121 5.95 16.47 12.04
CA HIS C 121 4.88 15.52 11.73
C HIS C 121 3.96 15.23 12.92
N ARG C 122 3.67 16.26 13.70
CA ARG C 122 2.74 16.20 14.82
C ARG C 122 2.96 15.00 15.74
N VAL C 123 4.22 14.62 15.94
CA VAL C 123 4.57 13.57 16.87
C VAL C 123 5.46 14.08 17.99
N LEU C 124 4.95 13.96 19.21
CA LEU C 124 5.72 14.11 20.44
C LEU C 124 6.28 12.80 20.88
N HIS C 125 7.56 12.76 21.22
CA HIS C 125 8.13 11.58 21.87
C HIS C 125 7.81 11.41 23.36
N ARG C 126 8.09 12.43 24.17
CA ARG C 126 7.64 12.51 25.56
C ARG C 126 8.47 11.68 26.52
N ASP C 127 9.37 10.84 26.03
CA ASP C 127 10.19 10.01 26.94
C ASP C 127 11.64 10.02 26.57
N LEU C 128 12.19 11.16 26.23
CA LEU C 128 13.55 11.08 25.72
C LEU C 128 14.44 10.81 26.90
N LYS C 129 15.41 9.93 26.73
CA LYS C 129 16.33 9.60 27.81
C LYS C 129 17.26 8.60 27.19
N PRO C 130 18.47 8.51 27.71
CA PRO C 130 19.58 7.77 27.12
C PRO C 130 19.28 6.31 26.77
N GLN C 131 18.46 5.65 27.59
CA GLN C 131 18.07 4.27 27.26
C GLN C 131 17.33 4.19 25.92
N ASN C 132 16.66 5.27 25.54
CA ASN C 132 15.75 5.26 24.40
C ASN C 132 16.45 5.86 23.19
N LEU C 133 17.76 6.14 23.27
CA LEU C 133 18.55 6.65 22.13
C LEU C 133 19.65 5.65 21.79
N LEU C 134 19.83 5.33 20.52
CA LEU C 134 20.50 4.09 20.18
C LEU C 134 21.58 4.43 19.15
N ILE C 135 22.73 3.76 19.27
CA ILE C 135 23.89 4.12 18.49
C ILE C 135 24.43 2.93 17.69
N ASN C 136 25.03 3.22 16.54
CA ASN C 136 25.67 2.17 15.81
C ASN C 136 27.18 2.44 15.76
N THR C 137 27.94 1.56 15.11
CA THR C 137 29.39 1.66 15.03
C THR C 137 29.81 2.68 14.00
N GLU C 138 28.93 3.11 13.11
CA GLU C 138 29.29 4.14 12.15
C GLU C 138 29.09 5.56 12.70
N GLY C 139 28.60 5.70 13.94
CA GLY C 139 28.45 7.03 14.52
C GLY C 139 27.09 7.74 14.36
N ALA C 140 26.10 6.98 13.89
CA ALA C 140 24.71 7.38 13.95
C ALA C 140 24.13 7.30 15.36
N ILE C 141 23.11 8.11 15.55
CA ILE C 141 22.25 7.82 16.67
C ILE C 141 20.81 8.08 16.31
N LYS C 142 19.90 7.34 16.94
CA LYS C 142 18.52 7.31 16.48
C LYS C 142 17.62 7.35 17.68
N LEU C 143 16.53 8.12 17.57
CA LEU C 143 15.41 8.01 18.51
C LEU C 143 14.71 6.66 18.43
N ALA C 144 14.44 6.11 19.60
CA ALA C 144 13.69 4.87 19.67
C ALA C 144 12.64 4.83 20.79
N ASP C 145 11.79 3.81 20.71
CA ASP C 145 10.81 3.54 21.74
C ASP C 145 9.75 4.63 21.77
N PHE C 146 8.91 4.64 20.76
CA PHE C 146 7.80 5.56 20.68
C PHE C 146 6.56 4.96 21.32
N GLY C 147 6.74 4.11 22.33
CA GLY C 147 5.63 3.66 23.14
C GLY C 147 4.77 4.71 23.83
N LEU C 148 5.36 5.81 24.31
CA LEU C 148 4.57 6.84 25.00
C LEU C 148 4.46 8.05 24.09
N ALA C 149 4.75 7.86 22.81
CA ALA C 149 4.67 8.95 21.86
C ALA C 149 3.23 9.31 21.50
N ARG C 150 2.98 10.58 21.26
CA ARG C 150 1.59 10.99 21.01
C ARG C 150 1.44 11.86 19.77
N ALA C 151 0.41 11.63 19.00
CA ALA C 151 0.14 12.61 17.94
C ALA C 151 -0.49 13.84 18.56
N PHE C 152 -0.10 15.04 18.15
CA PHE C 152 -0.67 16.22 18.81
C PHE C 152 -1.34 17.14 17.83
N GLY C 153 -2.09 16.54 16.92
CA GLY C 153 -2.88 17.30 15.98
C GLY C 153 -3.89 18.12 16.76
N VAL C 154 -4.14 17.62 17.95
CA VAL C 154 -4.94 18.27 18.97
C VAL C 154 -4.11 18.13 20.26
N PRO C 155 -4.10 19.14 21.12
CA PRO C 155 -3.08 19.21 22.17
C PRO C 155 -3.20 18.06 23.15
N VAL C 156 -2.04 17.60 23.60
CA VAL C 156 -1.99 16.37 24.34
C VAL C 156 -2.13 16.69 25.83
N ARG C 157 -3.12 16.09 26.47
CA ARG C 157 -3.46 16.39 27.84
C ARG C 157 -2.44 15.76 28.75
N THR C 158 -2.00 16.57 29.69
CA THR C 158 -1.07 16.11 30.71
C THR C 158 -1.61 15.04 31.67
N TYR C 159 -0.76 14.06 31.94
CA TYR C 159 -1.14 12.89 32.71
C TYR C 159 -1.51 13.33 34.14
N THR C 160 -2.65 12.88 34.65
CA THR C 160 -2.85 12.81 36.11
C THR C 160 -1.56 12.60 36.93
N HIS C 161 -1.08 11.36 36.88
CA HIS C 161 -0.17 10.77 37.87
C HIS C 161 0.90 10.07 37.07
N GLU C 162 1.79 10.87 36.50
CA GLU C 162 2.12 10.74 35.09
C GLU C 162 2.48 9.27 34.87
N VAL C 163 3.05 8.94 33.71
CA VAL C 163 4.16 7.99 33.64
C VAL C 163 5.46 8.65 33.12
N VAL C 164 6.51 8.48 33.90
CA VAL C 164 7.86 9.02 33.72
C VAL C 164 8.61 8.94 32.38
N THR C 165 9.78 9.58 32.28
CA THR C 165 10.83 9.54 33.33
C THR C 165 10.88 10.90 33.99
N LEU C 166 11.48 11.00 35.18
CA LEU C 166 11.42 12.29 35.85
C LEU C 166 12.68 13.12 35.79
N TRP C 167 13.81 12.47 35.78
CA TRP C 167 15.10 13.13 35.61
C TRP C 167 15.07 14.06 34.37
N TYR C 168 14.32 13.66 33.33
CA TYR C 168 14.29 14.38 32.07
C TYR C 168 12.98 15.11 31.84
N ARG C 169 12.32 15.52 32.91
CA ARG C 169 10.97 16.02 32.81
C ARG C 169 11.01 17.54 32.86
N ALA C 170 10.09 18.16 32.17
CA ALA C 170 10.19 19.59 31.94
C ALA C 170 9.46 20.31 33.07
N PRO C 171 9.95 21.48 33.45
CA PRO C 171 9.46 22.11 34.65
C PRO C 171 7.98 22.44 34.54
N GLU C 172 7.45 22.69 33.34
CA GLU C 172 6.05 23.11 33.17
C GLU C 172 5.13 21.95 33.49
N ILE C 173 5.61 20.75 33.20
CA ILE C 173 4.85 19.56 33.49
C ILE C 173 4.84 19.37 35.01
N LEU C 174 6.00 19.56 35.64
CA LEU C 174 6.11 19.45 37.09
C LEU C 174 5.22 20.43 37.83
N LEU C 175 5.01 21.61 37.26
CA LEU C 175 4.22 22.62 37.94
C LEU C 175 2.75 22.57 37.55
N GLY C 176 2.34 21.56 36.79
CA GLY C 176 0.92 21.29 36.63
C GLY C 176 0.22 21.79 35.37
N CYS C 177 0.95 22.27 34.37
CA CYS C 177 0.34 22.50 33.06
C CYS C 177 -0.61 21.43 32.55
N LYS C 178 -1.74 21.87 32.02
CA LYS C 178 -2.81 20.99 31.56
C LYS C 178 -2.42 20.20 30.30
N TYR C 179 -1.46 20.74 29.54
CA TYR C 179 -1.00 20.19 28.25
C TYR C 179 0.53 20.07 28.03
N TYR C 180 0.99 19.03 27.32
CA TYR C 180 2.34 18.99 26.73
C TYR C 180 2.55 19.95 25.51
N SER C 181 3.80 20.26 25.23
CA SER C 181 4.13 20.90 23.97
C SER C 181 5.46 20.34 23.51
N THR C 182 5.83 20.60 22.26
CA THR C 182 7.07 20.08 21.73
C THR C 182 8.24 20.46 22.62
N ALA C 183 8.07 21.50 23.42
CA ALA C 183 9.16 22.05 24.19
C ALA C 183 9.69 21.06 25.25
N VAL C 184 8.87 20.09 25.64
CA VAL C 184 9.28 19.10 26.64
C VAL C 184 10.32 18.17 26.03
N ASP C 185 10.30 17.98 24.71
CA ASP C 185 11.30 17.10 24.10
C ASP C 185 12.64 17.77 24.07
N ILE C 186 12.64 19.08 23.92
CA ILE C 186 13.89 19.83 23.89
C ILE C 186 14.44 19.96 25.32
N TRP C 187 13.56 20.09 26.32
CA TRP C 187 14.04 20.00 27.72
C TRP C 187 14.82 18.72 27.96
N SER C 188 14.26 17.62 27.48
CA SER C 188 14.85 16.32 27.72
C SER C 188 16.21 16.22 27.07
N LEU C 189 16.32 16.68 25.84
CA LEU C 189 17.56 16.61 25.11
C LEU C 189 18.59 17.59 25.69
N GLY C 190 18.13 18.76 26.13
CA GLY C 190 18.96 19.59 26.98
C GLY C 190 19.61 18.88 28.18
N CYS C 191 18.83 18.11 28.95
CA CYS C 191 19.37 17.30 30.05
C CYS C 191 20.37 16.29 29.54
N ILE C 192 20.05 15.68 28.41
CA ILE C 192 20.87 14.61 27.91
C ILE C 192 22.16 15.19 27.39
N PHE C 193 22.09 16.29 26.64
CA PHE C 193 23.28 17.04 26.26
C PHE C 193 24.22 17.28 27.48
N ALA C 194 23.69 17.93 28.51
CA ALA C 194 24.44 18.14 29.74
C ALA C 194 25.09 16.86 30.22
N GLU C 195 24.29 15.84 30.47
CA GLU C 195 24.76 14.53 30.95
C GLU C 195 25.92 13.96 30.14
N MET C 196 25.93 14.13 28.82
CA MET C 196 27.00 13.56 28.03
C MET C 196 28.25 14.35 28.41
N VAL C 197 28.07 15.63 28.71
CA VAL C 197 29.22 16.50 28.94
C VAL C 197 29.83 16.29 30.32
N THR C 198 28.99 16.39 31.34
CA THR C 198 29.43 16.27 32.71
C THR C 198 29.61 14.85 33.15
N ARG C 199 29.21 13.89 32.32
CA ARG C 199 29.31 12.49 32.73
C ARG C 199 28.31 12.06 33.80
N ARG C 200 27.37 12.93 34.17
CA ARG C 200 26.34 12.52 35.11
C ARG C 200 24.99 13.25 34.89
N ALA C 201 23.92 12.76 35.52
CA ALA C 201 22.59 13.29 35.26
C ALA C 201 22.43 14.69 35.86
N LEU C 202 21.90 15.65 35.10
CA LEU C 202 21.82 17.05 35.53
C LEU C 202 20.83 17.27 36.64
N PHE C 203 19.73 16.54 36.63
CA PHE C 203 18.62 16.75 37.56
C PHE C 203 18.10 15.40 38.09
N PRO C 204 18.92 14.67 38.84
CA PRO C 204 18.57 13.32 39.33
C PRO C 204 17.65 13.38 40.58
N GLY C 205 16.35 13.58 40.36
CA GLY C 205 15.41 13.72 41.46
C GLY C 205 14.53 12.48 41.71
N ASP C 206 13.95 12.41 42.90
CA ASP C 206 13.36 11.17 43.42
C ASP C 206 11.86 11.35 43.59
N SER C 207 11.40 12.59 43.42
CA SER C 207 9.98 12.96 43.30
C SER C 207 9.80 14.26 42.49
N GLU C 208 8.54 14.59 42.21
CA GLU C 208 8.17 15.84 41.54
C GLU C 208 8.78 17.04 42.26
N ILE C 209 8.82 16.98 43.58
CA ILE C 209 9.27 18.15 44.35
C ILE C 209 10.80 18.14 44.40
N ASP C 210 11.38 16.96 44.47
CA ASP C 210 12.83 16.86 44.50
C ASP C 210 13.40 17.28 43.13
N GLN C 211 12.62 17.05 42.06
CA GLN C 211 13.06 17.39 40.71
C GLN C 211 13.01 18.89 40.44
N LEU C 212 11.86 19.48 40.72
CA LEU C 212 11.74 20.93 40.78
C LEU C 212 12.92 21.56 41.49
N PHE C 213 13.34 21.01 42.63
CA PHE C 213 14.28 21.74 43.52
C PHE C 213 15.68 21.58 42.97
N ARG C 214 15.96 20.42 42.42
CA ARG C 214 17.18 20.27 41.65
C ARG C 214 17.29 21.19 40.47
N ILE C 215 16.16 21.51 39.85
CA ILE C 215 16.20 22.39 38.68
C ILE C 215 16.37 23.79 39.22
N PHE C 216 15.65 24.05 40.32
CA PHE C 216 15.61 25.40 40.89
C PHE C 216 17.01 25.78 41.36
N ARG C 217 17.74 24.82 41.91
CA ARG C 217 19.09 25.17 42.33
C ARG C 217 20.12 25.28 41.23
N THR C 218 19.82 24.82 40.03
CA THR C 218 20.76 25.02 38.96
C THR C 218 20.41 26.21 38.11
N LEU C 219 19.13 26.38 37.79
CA LEU C 219 18.76 27.52 36.94
C LEU C 219 18.17 28.71 37.67
N GLY C 220 18.15 28.66 38.99
CA GLY C 220 17.32 29.57 39.78
C GLY C 220 15.86 29.23 40.05
N THR C 221 15.22 29.97 40.95
CA THR C 221 13.78 29.87 41.07
C THR C 221 13.06 30.75 40.06
N PRO C 222 12.19 30.20 39.22
CA PRO C 222 11.51 31.02 38.24
C PRO C 222 10.67 32.08 38.91
N ASP C 223 10.52 33.22 38.22
CA ASP C 223 9.58 34.29 38.56
C ASP C 223 8.88 34.86 37.29
N GLU C 224 7.99 35.84 37.51
CA GLU C 224 7.15 36.33 36.42
C GLU C 224 7.97 36.95 35.29
N VAL C 225 9.12 37.51 35.60
CA VAL C 225 9.92 38.17 34.59
C VAL C 225 10.54 37.17 33.58
N VAL C 226 11.20 36.13 34.07
CA VAL C 226 11.55 34.91 33.31
C VAL C 226 10.38 34.18 32.63
N TRP C 227 9.26 34.05 33.34
CA TRP C 227 8.23 33.12 32.96
C TRP C 227 6.87 33.65 33.40
N PRO C 228 6.31 34.52 32.58
CA PRO C 228 4.96 35.05 32.80
C PRO C 228 3.99 33.91 33.01
N GLY C 229 3.19 33.92 34.07
CA GLY C 229 2.26 32.84 34.38
C GLY C 229 2.60 31.96 35.57
N VAL C 230 3.89 31.93 35.93
CA VAL C 230 4.43 30.80 36.66
C VAL C 230 4.00 30.78 38.14
N THR C 231 3.74 31.95 38.73
CA THR C 231 3.18 31.98 40.08
C THR C 231 1.67 31.82 40.07
N SER C 232 1.06 31.70 38.90
CA SER C 232 -0.37 31.34 38.78
C SER C 232 -0.62 29.86 38.44
N MET C 233 0.45 29.08 38.33
CA MET C 233 0.38 27.64 38.01
C MET C 233 0.11 26.71 39.18
N PRO C 234 -0.72 25.68 38.99
CA PRO C 234 -1.25 24.87 40.12
C PRO C 234 -0.22 24.44 41.19
N ASP C 235 0.92 23.87 40.81
CA ASP C 235 1.74 23.15 41.79
C ASP C 235 2.86 24.05 42.28
N TYR C 236 2.80 25.32 41.90
CA TYR C 236 3.74 26.33 42.36
C TYR C 236 3.32 26.77 43.74
N LYS C 237 4.30 27.06 44.59
CA LYS C 237 4.05 27.55 45.93
C LYS C 237 4.82 28.83 46.24
N PRO C 238 4.14 29.87 46.74
CA PRO C 238 4.81 31.08 47.23
C PRO C 238 5.92 30.79 48.22
N SER C 239 5.89 29.61 48.84
CA SER C 239 6.81 29.19 49.89
C SER C 239 8.08 28.52 49.36
N PHE C 240 8.33 28.69 48.06
CA PHE C 240 9.36 27.93 47.39
C PHE C 240 10.51 28.84 47.71
N PRO C 241 11.71 28.28 47.84
CA PRO C 241 12.90 29.08 48.04
C PRO C 241 13.13 29.96 46.86
N LYS C 242 13.86 31.04 47.09
CA LYS C 242 14.19 32.03 46.08
C LYS C 242 15.68 31.97 45.86
N TRP C 243 16.12 30.96 45.12
CA TRP C 243 17.50 30.81 44.68
C TRP C 243 17.80 31.57 43.41
N ALA C 244 19.08 31.78 43.12
CA ALA C 244 19.51 32.59 41.99
C ALA C 244 20.22 31.78 40.93
N ARG C 245 20.32 32.31 39.74
CA ARG C 245 20.75 31.48 38.62
C ARG C 245 22.26 31.37 38.69
N GLN C 246 22.78 30.15 38.73
CA GLN C 246 24.22 30.03 38.81
C GLN C 246 24.82 30.01 37.43
N ASP C 247 26.11 30.33 37.39
CA ASP C 247 26.84 30.58 36.15
C ASP C 247 27.07 29.27 35.40
N PHE C 248 26.72 29.26 34.11
CA PHE C 248 26.80 28.03 33.36
C PHE C 248 28.22 27.48 33.24
N SER C 249 29.19 28.36 33.41
CA SER C 249 30.58 27.98 33.37
C SER C 249 30.89 26.89 34.39
N LYS C 250 30.14 26.85 35.49
CA LYS C 250 30.36 25.84 36.52
C LYS C 250 29.46 24.61 36.40
N VAL C 251 28.31 24.74 35.75
CA VAL C 251 27.42 23.60 35.49
C VAL C 251 28.00 22.60 34.46
N VAL C 252 28.52 23.14 33.36
CA VAL C 252 29.12 22.34 32.29
C VAL C 252 30.45 22.94 31.87
N PRO C 253 31.40 22.85 32.79
CA PRO C 253 32.72 23.46 32.59
C PRO C 253 33.29 23.24 31.20
N PRO C 254 33.25 22.00 30.73
CA PRO C 254 33.97 21.59 29.52
C PRO C 254 33.42 22.08 28.16
N LEU C 255 32.30 22.78 28.19
CA LEU C 255 31.55 23.14 26.99
C LEU C 255 32.01 24.55 26.65
N ASP C 256 32.13 24.85 25.37
CA ASP C 256 32.54 26.15 24.92
C ASP C 256 31.36 27.14 25.04
N GLU C 257 31.58 28.43 24.84
CA GLU C 257 30.50 29.41 24.85
C GLU C 257 29.27 29.13 23.97
N ASP C 258 29.46 28.79 22.70
CA ASP C 258 28.34 28.31 21.89
C ASP C 258 27.53 27.13 22.53
N GLY C 259 28.18 26.08 22.99
CA GLY C 259 27.38 25.01 23.52
C GLY C 259 26.63 25.40 24.79
N ARG C 260 27.21 26.27 25.60
CA ARG C 260 26.52 26.87 26.74
C ARG C 260 25.41 27.83 26.31
N SER C 261 25.62 28.61 25.27
CA SER C 261 24.52 29.39 24.73
C SER C 261 23.36 28.50 24.30
N LEU C 262 23.63 27.45 23.52
CA LEU C 262 22.61 26.50 23.11
C LEU C 262 21.91 25.76 24.28
N LEU C 263 22.69 25.23 25.22
CA LEU C 263 22.16 24.45 26.32
C LEU C 263 21.22 25.35 27.09
N SER C 264 21.59 26.61 27.21
CA SER C 264 20.86 27.50 28.10
C SER C 264 19.47 27.84 27.53
N GLN C 265 19.40 27.90 26.19
CA GLN C 265 18.16 28.03 25.42
C GLN C 265 17.31 26.75 25.30
N MET C 266 17.97 25.59 25.44
CA MET C 266 17.25 24.36 25.64
C MET C 266 16.65 24.17 27.03
N LEU C 267 17.24 24.81 28.04
CA LEU C 267 16.67 24.74 29.37
C LEU C 267 16.04 26.04 29.84
N HIS C 268 15.62 26.90 28.91
CA HIS C 268 14.70 27.99 29.24
C HIS C 268 13.42 27.56 29.99
N TYR C 269 13.09 28.28 31.06
CA TYR C 269 11.91 27.94 31.86
C TYR C 269 10.67 27.98 30.98
N ASP C 270 10.52 29.06 30.25
CA ASP C 270 9.24 29.35 29.63
C ASP C 270 9.21 28.60 28.32
N PRO C 271 8.29 27.66 28.21
CA PRO C 271 8.27 26.77 27.07
C PRO C 271 7.92 27.44 25.74
N ASN C 272 7.37 28.66 25.77
CA ASN C 272 7.24 29.50 24.58
C ASN C 272 8.56 30.09 24.12
N LYS C 273 9.48 30.26 25.06
CA LYS C 273 10.75 30.88 24.71
C LYS C 273 11.80 29.82 24.57
N ARG C 274 11.44 28.57 24.82
CA ARG C 274 12.43 27.51 24.70
C ARG C 274 12.63 27.22 23.23
N ILE C 275 13.88 27.05 22.84
CA ILE C 275 14.29 26.95 21.46
C ILE C 275 13.66 25.71 20.86
N SER C 276 13.19 25.85 19.62
CA SER C 276 12.70 24.71 18.84
C SER C 276 13.84 23.89 18.25
N ALA C 277 13.57 22.66 17.89
CA ALA C 277 14.59 21.80 17.35
C ALA C 277 14.97 22.37 15.99
N LYS C 278 14.06 23.00 15.27
CA LYS C 278 14.46 23.53 13.96
C LYS C 278 15.46 24.66 14.02
N ALA C 279 15.25 25.52 14.99
CA ALA C 279 16.11 26.68 15.23
C ALA C 279 17.43 26.29 15.88
N ALA C 280 17.40 25.34 16.82
CA ALA C 280 18.62 24.71 17.35
C ALA C 280 19.57 24.27 16.25
N LEU C 281 19.05 23.70 15.17
CA LEU C 281 19.88 23.23 14.07
C LEU C 281 20.69 24.36 13.43
N ALA C 282 20.12 25.55 13.46
CA ALA C 282 20.73 26.75 12.94
C ALA C 282 21.62 27.46 13.95
N HIS C 283 21.76 26.91 15.15
CA HIS C 283 22.66 27.50 16.15
C HIS C 283 24.14 27.34 15.75
N PRO C 284 24.91 28.40 15.99
CA PRO C 284 26.31 28.47 15.55
C PRO C 284 27.17 27.33 16.06
N PHE C 285 26.82 26.77 17.22
CA PHE C 285 27.48 25.65 17.79
C PHE C 285 27.64 24.57 16.74
N PHE C 286 26.62 24.33 15.92
CA PHE C 286 26.74 23.24 14.95
C PHE C 286 27.32 23.69 13.60
N GLN C 287 27.97 24.84 13.52
CA GLN C 287 28.61 25.27 12.29
C GLN C 287 29.76 24.34 11.90
N ASP C 288 30.36 23.66 12.85
CA ASP C 288 31.61 22.94 12.58
C ASP C 288 31.44 21.48 12.96
N VAL C 289 30.21 20.99 12.98
CA VAL C 289 29.89 19.63 13.35
C VAL C 289 30.47 18.66 12.31
N THR C 290 30.95 17.50 12.77
CA THR C 290 31.59 16.49 11.93
C THR C 290 30.86 15.17 12.17
N LYS C 291 31.52 14.04 11.93
CA LYS C 291 30.87 12.73 11.98
C LYS C 291 31.87 11.68 12.46
N PRO C 292 32.30 11.89 13.70
CA PRO C 292 33.18 10.92 14.34
C PRO C 292 32.42 9.66 14.61
N VAL C 293 33.14 8.59 14.90
CA VAL C 293 32.55 7.29 15.18
C VAL C 293 32.85 6.97 16.62
N PRO C 294 32.00 6.24 17.33
CA PRO C 294 32.31 5.91 18.74
C PRO C 294 33.40 4.87 18.92
N HIS C 295 33.96 4.74 20.13
CA HIS C 295 34.57 3.48 20.54
C HIS C 295 33.70 2.61 21.46
N LEU C 296 33.38 1.40 20.99
CA LEU C 296 32.18 0.68 21.41
C LEU C 296 32.43 -0.56 22.30
N ARG C 297 31.58 -0.74 23.32
N VAL D 3 2.61 28.65 18.70
CA VAL D 3 2.71 29.27 17.32
C VAL D 3 3.95 28.86 16.55
N PRO D 4 4.69 28.04 17.26
CA PRO D 4 5.87 27.34 16.75
C PRO D 4 6.12 27.35 15.24
N ASP D 5 7.40 27.16 14.92
CA ASP D 5 7.88 27.11 13.55
C ASP D 5 7.53 25.83 12.78
N TYR D 6 6.51 25.10 13.25
CA TYR D 6 6.16 23.83 12.62
C TYR D 6 4.64 23.68 12.51
N HIS D 7 3.88 24.73 12.81
CA HIS D 7 2.43 24.79 12.54
C HIS D 7 2.03 24.77 11.05
N GLU D 8 2.80 25.45 10.21
CA GLU D 8 2.58 25.34 8.79
C GLU D 8 2.97 23.97 8.26
N ASP D 9 4.06 23.41 8.79
CA ASP D 9 4.55 22.10 8.34
C ASP D 9 3.50 21.00 8.62
N ILE D 10 2.96 21.01 9.84
CA ILE D 10 1.91 20.14 10.34
C ILE D 10 0.62 20.23 9.53
N HIS D 11 0.18 21.46 9.36
CA HIS D 11 -0.99 21.70 8.53
C HIS D 11 -0.80 21.23 7.09
N THR D 12 0.43 21.29 6.60
CA THR D 12 0.65 20.73 5.26
C THR D 12 0.59 19.20 5.25
N TYR D 13 1.10 18.62 6.33
CA TYR D 13 1.29 17.18 6.48
C TYR D 13 -0.11 16.58 6.63
N LEU D 14 -0.92 17.22 7.47
CA LEU D 14 -2.29 16.77 7.67
C LEU D 14 -3.10 16.78 6.37
N ARG D 15 -2.84 17.77 5.53
CA ARG D 15 -3.49 17.92 4.24
C ARG D 15 -3.12 16.80 3.27
N GLU D 16 -1.90 16.30 3.35
CA GLU D 16 -1.51 15.01 2.75
C GLU D 16 -2.20 13.81 3.38
N MET D 17 -2.19 13.76 4.71
CA MET D 17 -2.59 12.56 5.45
C MET D 17 -4.11 12.31 5.29
N GLU D 18 -4.87 13.40 5.19
CA GLU D 18 -6.32 13.27 5.21
C GLU D 18 -6.74 12.69 3.86
N VAL D 19 -5.93 12.87 2.82
CA VAL D 19 -6.23 12.28 1.52
C VAL D 19 -6.00 10.78 1.58
N LYS D 20 -4.98 10.39 2.34
CA LYS D 20 -4.58 9.01 2.35
C LYS D 20 -5.58 8.21 3.16
N CYS D 21 -6.14 8.84 4.22
CA CYS D 21 -7.11 8.21 5.14
C CYS D 21 -8.58 8.50 4.77
N LYS D 22 -8.84 8.82 3.52
CA LYS D 22 -10.20 9.06 3.05
C LYS D 22 -10.80 7.66 2.90
N PRO D 23 -11.95 7.41 3.51
CA PRO D 23 -12.98 6.48 2.99
C PRO D 23 -13.28 6.50 1.49
N LYS D 24 -13.74 5.38 0.95
CA LYS D 24 -14.40 5.35 -0.36
C LYS D 24 -15.72 6.07 -0.18
N VAL D 25 -16.15 6.93 -1.09
CA VAL D 25 -17.45 7.60 -0.87
C VAL D 25 -18.57 6.57 -1.03
N GLY D 26 -18.40 5.73 -2.05
CA GLY D 26 -19.47 4.88 -2.56
C GLY D 26 -19.84 3.75 -1.63
N TYR D 27 -19.24 3.62 -0.46
CA TYR D 27 -19.10 2.31 0.16
C TYR D 27 -20.43 1.68 0.62
N MET D 28 -21.32 2.52 1.13
CA MET D 28 -22.60 2.08 1.66
C MET D 28 -23.54 1.48 0.58
N LYS D 29 -23.39 1.91 -0.66
CA LYS D 29 -24.16 1.31 -1.75
C LYS D 29 -23.63 -0.06 -2.19
N LYS D 30 -22.42 -0.37 -1.77
CA LYS D 30 -21.90 -1.70 -2.00
C LYS D 30 -21.84 -2.52 -0.73
N GLN D 31 -22.40 -2.05 0.39
CA GLN D 31 -22.77 -2.91 1.51
C GLN D 31 -24.24 -3.41 1.42
N PRO D 32 -24.40 -4.71 1.17
CA PRO D 32 -25.72 -5.40 1.11
C PRO D 32 -26.64 -5.24 2.34
N ASP D 33 -26.16 -5.54 3.56
CA ASP D 33 -26.96 -5.55 4.79
C ASP D 33 -26.98 -4.22 5.55
N ILE D 34 -26.19 -3.23 5.15
CA ILE D 34 -26.26 -2.00 5.95
C ILE D 34 -26.56 -0.69 5.24
N THR D 35 -27.16 0.25 5.98
CA THR D 35 -27.55 1.56 5.43
C THR D 35 -26.90 2.81 6.05
N ASN D 36 -26.99 3.96 5.38
CA ASN D 36 -26.68 5.25 6.02
C ASN D 36 -27.44 5.49 7.35
N SER D 37 -28.68 5.05 7.39
CA SER D 37 -29.44 5.17 8.61
C SER D 37 -28.93 4.30 9.76
N MET D 38 -28.48 3.08 9.46
CA MET D 38 -27.86 2.20 10.45
C MET D 38 -26.55 2.82 10.93
N ARG D 39 -25.82 3.42 10.01
CA ARG D 39 -24.62 4.10 10.41
C ARG D 39 -24.89 5.35 11.27
N ALA D 40 -25.88 6.14 10.93
CA ALA D 40 -26.35 7.16 11.88
C ALA D 40 -26.65 6.69 13.31
N ILE D 41 -27.36 5.58 13.43
CA ILE D 41 -27.75 5.12 14.75
C ILE D 41 -26.47 4.76 15.46
N LEU D 42 -25.49 4.25 14.68
CA LEU D 42 -24.28 3.64 15.30
C LEU D 42 -23.43 4.76 15.85
N VAL D 43 -23.21 5.76 15.01
CA VAL D 43 -22.36 6.89 15.32
C VAL D 43 -23.00 7.61 16.48
N ASP D 44 -24.34 7.76 16.48
CA ASP D 44 -25.08 8.46 17.54
C ASP D 44 -24.95 7.74 18.90
N TRP D 45 -24.98 6.41 18.86
CA TRP D 45 -24.73 5.54 20.03
C TRP D 45 -23.32 5.75 20.56
N LEU D 46 -22.39 6.21 19.73
CA LEU D 46 -20.99 6.27 20.22
C LEU D 46 -20.81 7.64 20.82
N VAL D 47 -21.55 8.59 20.29
CA VAL D 47 -21.67 9.83 21.05
C VAL D 47 -22.02 9.61 22.55
N GLU D 48 -23.00 8.76 22.83
CA GLU D 48 -23.48 8.52 24.18
C GLU D 48 -22.41 7.80 24.98
N VAL D 49 -21.84 6.75 24.40
CA VAL D 49 -20.78 6.03 25.09
C VAL D 49 -19.61 6.93 25.47
N GLY D 50 -19.28 7.89 24.60
CA GLY D 50 -18.33 8.92 24.92
C GLY D 50 -18.68 9.71 26.18
N GLU D 51 -19.88 10.28 26.18
CA GLU D 51 -20.42 10.97 27.34
C GLU D 51 -20.46 10.11 28.59
N GLU D 52 -21.00 8.91 28.50
CA GLU D 52 -21.06 8.05 29.67
C GLU D 52 -19.68 7.76 30.27
N TYR D 53 -18.69 7.58 29.40
CA TYR D 53 -17.31 7.24 29.80
C TYR D 53 -16.40 8.48 29.81
N LYS D 54 -16.98 9.67 29.66
CA LYS D 54 -16.21 10.91 29.60
C LYS D 54 -14.96 10.74 28.73
N LEU D 55 -15.15 10.34 27.48
CA LEU D 55 -14.07 10.26 26.49
C LEU D 55 -13.91 11.61 25.85
N GLN D 56 -12.69 11.87 25.41
CA GLN D 56 -12.39 13.07 24.65
C GLN D 56 -13.19 13.14 23.38
N ASN D 57 -13.42 14.34 22.87
CA ASN D 57 -14.05 14.37 21.58
C ASN D 57 -13.26 13.71 20.48
N GLU D 58 -11.92 13.70 20.60
CA GLU D 58 -11.10 13.33 19.42
C GLU D 58 -11.21 11.85 19.24
N THR D 59 -11.55 11.17 20.33
CA THR D 59 -11.68 9.75 20.29
C THR D 59 -12.85 9.31 19.49
N LEU D 60 -13.88 10.14 19.53
CA LEU D 60 -15.09 9.95 18.76
C LEU D 60 -14.81 10.02 17.26
N HIS D 61 -14.18 11.10 16.80
CA HIS D 61 -13.92 11.39 15.38
C HIS D 61 -13.03 10.30 14.83
N LEU D 62 -12.14 9.75 15.67
CA LEU D 62 -11.21 8.76 15.16
C LEU D 62 -11.96 7.45 14.96
N ALA D 63 -12.78 7.06 15.93
CA ALA D 63 -13.70 5.94 15.73
C ALA D 63 -14.46 5.95 14.42
N VAL D 64 -14.94 7.10 14.01
CA VAL D 64 -15.83 7.08 12.88
C VAL D 64 -15.01 6.93 11.60
N ASN D 65 -13.80 7.46 11.62
CA ASN D 65 -12.83 7.30 10.55
C ASN D 65 -12.54 5.82 10.37
N TYR D 66 -12.34 5.12 11.47
CA TYR D 66 -11.94 3.73 11.44
C TYR D 66 -13.08 2.86 10.87
N ILE D 67 -14.25 2.93 11.50
CA ILE D 67 -15.50 2.42 10.95
C ILE D 67 -15.69 2.70 9.45
N ASP D 68 -15.62 3.95 9.06
CA ASP D 68 -15.81 4.24 7.66
C ASP D 68 -14.73 3.62 6.76
N ARG D 69 -13.53 3.46 7.29
CA ARG D 69 -12.49 2.82 6.49
C ARG D 69 -12.68 1.31 6.52
N PHE D 70 -12.96 0.77 7.70
CA PHE D 70 -13.25 -0.65 7.80
C PHE D 70 -14.36 -1.00 6.80
N LEU D 71 -15.49 -0.29 6.80
CA LEU D 71 -16.61 -0.70 5.96
C LEU D 71 -16.41 -0.44 4.47
N SER D 72 -15.40 0.35 4.15
CA SER D 72 -14.92 0.53 2.78
C SER D 72 -14.34 -0.72 2.13
N SER D 73 -13.75 -1.62 2.90
CA SER D 73 -13.22 -2.85 2.32
C SER D 73 -13.79 -4.14 2.86
N MET D 74 -14.65 -4.08 3.90
CA MET D 74 -15.23 -5.31 4.48
C MET D 74 -16.73 -5.23 4.55
N SER D 75 -17.38 -6.27 4.02
CA SER D 75 -18.85 -6.37 4.05
C SER D 75 -19.17 -6.79 5.46
N VAL D 76 -20.17 -6.18 6.10
CA VAL D 76 -20.54 -6.51 7.50
C VAL D 76 -22.04 -6.71 7.56
N LEU D 77 -22.48 -7.76 8.22
CA LEU D 77 -23.89 -7.93 8.49
C LEU D 77 -24.37 -7.02 9.62
N ARG D 78 -25.69 -6.82 9.74
CA ARG D 78 -26.27 -5.81 10.62
C ARG D 78 -26.11 -6.14 12.08
N GLY D 79 -26.07 -7.42 12.39
CA GLY D 79 -25.81 -7.81 13.75
C GLY D 79 -24.35 -7.89 14.15
N LYS D 80 -23.43 -7.61 13.22
CA LYS D 80 -22.01 -7.41 13.60
C LYS D 80 -21.57 -5.94 13.46
N LEU D 81 -22.42 -5.08 12.90
CA LEU D 81 -22.06 -3.67 12.80
C LEU D 81 -21.73 -2.99 14.14
N GLN D 82 -22.50 -3.27 15.18
CA GLN D 82 -22.15 -2.76 16.50
C GLN D 82 -20.80 -3.20 17.04
N LEU D 83 -20.38 -4.39 16.68
CA LEU D 83 -19.11 -4.98 17.09
C LEU D 83 -17.96 -4.36 16.32
N VAL D 84 -18.15 -4.01 15.05
CA VAL D 84 -17.22 -3.09 14.39
C VAL D 84 -17.00 -1.80 15.14
N GLY D 85 -18.09 -1.21 15.63
CA GLY D 85 -18.10 0.15 16.14
C GLY D 85 -17.56 0.17 17.55
N THR D 86 -17.83 -0.89 18.31
CA THR D 86 -17.26 -1.02 19.65
C THR D 86 -15.76 -1.18 19.63
N ALA D 87 -15.31 -2.01 18.70
CA ALA D 87 -13.88 -2.27 18.60
C ALA D 87 -13.18 -1.04 18.08
N ALA D 88 -13.85 -0.26 17.22
CA ALA D 88 -13.24 0.96 16.74
C ALA D 88 -13.11 1.96 17.89
N MET D 89 -14.07 1.95 18.80
CA MET D 89 -14.07 2.88 19.95
C MET D 89 -13.02 2.46 20.96
N LEU D 90 -12.96 1.18 21.26
CA LEU D 90 -11.77 0.63 21.96
C LEU D 90 -10.43 1.12 21.38
N LEU D 91 -10.31 1.22 20.06
CA LEU D 91 -8.98 1.40 19.49
C LEU D 91 -8.67 2.89 19.51
N ALA D 92 -9.67 3.69 19.15
CA ALA D 92 -9.60 5.14 19.29
C ALA D 92 -9.30 5.51 20.71
N SER D 93 -9.91 4.80 21.65
CA SER D 93 -9.64 5.10 23.06
C SER D 93 -8.18 4.81 23.36
N LYS D 94 -7.67 3.69 22.85
CA LYS D 94 -6.32 3.28 23.17
C LYS D 94 -5.29 4.28 22.63
N PHE D 95 -5.64 4.90 21.52
CA PHE D 95 -4.72 5.76 20.82
C PHE D 95 -4.73 7.10 21.51
N GLU D 96 -5.89 7.57 21.97
CA GLU D 96 -6.07 9.01 22.18
C GLU D 96 -6.36 9.40 23.64
N GLU D 97 -6.77 8.44 24.45
CA GLU D 97 -7.04 8.72 25.86
C GLU D 97 -5.82 8.35 26.61
N ILE D 98 -5.75 8.93 27.80
CA ILE D 98 -4.65 8.66 28.68
C ILE D 98 -4.77 7.28 29.35
N TYR D 99 -5.96 7.01 29.87
CA TYR D 99 -6.32 5.67 30.30
C TYR D 99 -7.64 5.31 29.66
N PRO D 100 -7.61 4.29 28.80
CA PRO D 100 -8.82 3.88 28.08
C PRO D 100 -9.68 3.03 29.05
N PRO D 101 -11.00 3.05 28.89
CA PRO D 101 -11.88 2.11 29.59
C PRO D 101 -11.46 0.68 29.32
N GLU D 102 -11.56 -0.22 30.30
CA GLU D 102 -11.25 -1.63 30.12
C GLU D 102 -12.14 -2.26 29.04
N VAL D 103 -11.72 -3.42 28.55
CA VAL D 103 -12.52 -4.09 27.54
C VAL D 103 -13.89 -4.51 28.07
N ALA D 104 -13.97 -4.96 29.32
CA ALA D 104 -15.23 -5.38 29.90
C ALA D 104 -16.31 -4.30 29.75
N GLU D 105 -15.85 -3.06 29.81
CA GLU D 105 -16.75 -1.91 29.70
C GLU D 105 -17.16 -1.86 28.26
N PHE D 106 -16.28 -2.29 27.36
CA PHE D 106 -16.67 -2.26 25.95
C PHE D 106 -17.71 -3.32 25.63
N VAL D 107 -17.55 -4.46 26.29
CA VAL D 107 -18.58 -5.48 26.28
C VAL D 107 -19.87 -4.93 26.89
N TYR D 108 -19.70 -4.29 28.05
CA TYR D 108 -20.83 -4.07 28.94
C TYR D 108 -21.75 -3.05 28.28
N ILE D 109 -21.21 -2.08 27.57
CA ILE D 109 -22.07 -1.08 26.91
C ILE D 109 -22.90 -1.64 25.77
N THR D 110 -22.66 -2.88 25.37
CA THR D 110 -23.39 -3.44 24.24
C THR D 110 -24.56 -4.19 24.78
N ASP D 111 -24.68 -4.25 26.12
CA ASP D 111 -25.67 -5.11 26.77
C ASP D 111 -25.31 -6.56 26.53
N ASP D 112 -24.06 -6.91 26.83
CA ASP D 112 -23.62 -8.30 26.75
C ASP D 112 -24.06 -9.04 25.46
N THR D 113 -24.15 -8.30 24.33
CA THR D 113 -24.41 -8.82 22.98
C THR D 113 -23.20 -9.55 22.34
N TYR D 114 -21.97 -9.11 22.58
CA TYR D 114 -20.77 -9.81 22.15
C TYR D 114 -19.98 -10.17 23.39
N THR D 115 -18.98 -11.05 23.25
CA THR D 115 -18.06 -11.39 24.30
C THR D 115 -16.74 -10.62 24.29
N LYS D 116 -15.95 -10.79 25.36
CA LYS D 116 -14.61 -10.26 25.37
C LYS D 116 -13.88 -10.79 24.15
N LYS D 117 -14.01 -12.09 23.92
CA LYS D 117 -13.09 -12.70 22.97
C LYS D 117 -13.42 -12.14 21.57
N GLN D 118 -14.69 -11.77 21.37
CA GLN D 118 -15.17 -11.35 20.08
C GLN D 118 -14.80 -9.89 19.86
N VAL D 119 -14.67 -9.13 20.94
CA VAL D 119 -14.27 -7.72 20.87
C VAL D 119 -12.76 -7.58 20.76
N LEU D 120 -12.02 -8.46 21.39
CA LEU D 120 -10.59 -8.61 21.14
C LEU D 120 -10.25 -9.12 19.75
N ARG D 121 -11.08 -10.03 19.27
CA ARG D 121 -10.82 -10.55 17.94
C ARG D 121 -11.11 -9.49 16.88
N MET D 122 -12.19 -8.74 17.05
CA MET D 122 -12.57 -7.69 16.07
C MET D 122 -11.56 -6.56 16.07
N GLU D 123 -10.94 -6.30 17.21
CA GLU D 123 -9.89 -5.28 17.27
C GLU D 123 -8.67 -5.65 16.45
N HIS D 124 -8.24 -6.90 16.48
CA HIS D 124 -7.18 -7.36 15.64
C HIS D 124 -7.61 -7.31 14.18
N LEU D 125 -8.87 -7.60 13.87
CA LEU D 125 -9.23 -7.55 12.47
C LEU D 125 -9.19 -6.14 11.90
N VAL D 126 -9.66 -5.19 12.72
CA VAL D 126 -9.73 -3.78 12.39
C VAL D 126 -8.32 -3.23 12.28
N LEU D 127 -7.39 -3.75 13.07
CA LEU D 127 -6.03 -3.26 12.96
C LEU D 127 -5.43 -3.67 11.66
N LYS D 128 -5.63 -4.93 11.28
CA LYS D 128 -5.13 -5.53 10.04
C LYS D 128 -5.74 -4.83 8.82
N VAL D 129 -7.03 -4.55 8.82
CA VAL D 129 -7.60 -3.89 7.67
C VAL D 129 -7.14 -2.45 7.54
N LEU D 130 -6.94 -1.81 8.69
CA LEU D 130 -6.40 -0.46 8.71
C LEU D 130 -4.90 -0.42 8.56
N THR D 131 -4.31 -1.60 8.42
CA THR D 131 -2.84 -1.72 8.47
C THR D 131 -2.19 -0.77 9.49
N PHE D 132 -2.69 -0.83 10.72
CA PHE D 132 -2.17 -0.07 11.84
C PHE D 132 -2.05 1.43 11.59
N ASP D 133 -2.80 1.93 10.63
CA ASP D 133 -2.72 3.35 10.35
C ASP D 133 -3.75 4.14 11.10
N LEU D 134 -3.47 4.47 12.36
CA LEU D 134 -4.49 5.05 13.25
C LEU D 134 -4.46 6.56 13.52
N ALA D 135 -3.34 7.23 13.27
CA ALA D 135 -3.28 8.69 13.30
C ALA D 135 -3.92 9.34 12.09
N ALA D 136 -5.24 9.25 11.99
CA ALA D 136 -5.96 9.93 10.92
C ALA D 136 -6.26 11.35 11.34
N PRO D 137 -6.21 12.26 10.39
CA PRO D 137 -6.68 13.62 10.64
C PRO D 137 -8.18 13.66 10.69
N THR D 138 -8.72 14.60 11.46
CA THR D 138 -10.14 14.66 11.74
C THR D 138 -10.62 16.08 11.64
N VAL D 139 -11.94 16.24 11.55
CA VAL D 139 -12.53 17.57 11.55
C VAL D 139 -12.09 18.33 12.78
N ASN D 140 -12.05 17.68 13.93
CA ASN D 140 -11.60 18.27 15.21
C ASN D 140 -10.17 18.82 15.20
N GLN D 141 -9.27 18.10 14.56
CA GLN D 141 -7.91 18.56 14.43
C GLN D 141 -7.81 19.83 13.58
N PHE D 142 -8.48 19.86 12.45
CA PHE D 142 -8.42 21.05 11.64
C PHE D 142 -9.08 22.22 12.37
N LEU D 143 -10.22 22.01 13.02
CA LEU D 143 -10.81 23.12 13.75
C LEU D 143 -9.86 23.64 14.82
N THR D 144 -9.14 22.76 15.49
CA THR D 144 -8.27 23.23 16.56
C THR D 144 -7.21 24.17 16.00
N GLN D 145 -6.78 23.83 14.80
CA GLN D 145 -5.76 24.62 14.15
C GLN D 145 -6.32 25.91 13.66
N TYR D 146 -7.43 25.81 12.92
CA TYR D 146 -8.21 26.97 12.47
C TYR D 146 -8.54 27.98 13.57
N PHE D 147 -8.81 27.51 14.79
CA PHE D 147 -9.17 28.39 15.89
C PHE D 147 -8.09 29.42 16.21
N LEU D 148 -6.87 29.08 15.84
CA LEU D 148 -5.73 29.95 16.08
C LEU D 148 -5.87 31.27 15.33
N HIS D 149 -6.67 31.32 14.27
CA HIS D 149 -6.75 32.50 13.41
C HIS D 149 -8.06 33.20 13.75
N GLN D 150 -8.55 32.95 14.96
CA GLN D 150 -9.59 33.79 15.54
C GLN D 150 -8.98 35.07 16.03
N GLN D 151 -9.83 36.07 16.11
CA GLN D 151 -9.45 37.44 16.46
C GLN D 151 -10.74 38.19 16.80
N PRO D 152 -11.10 38.32 18.07
CA PRO D 152 -10.55 37.57 19.20
C PRO D 152 -11.08 36.12 19.30
N ALA D 153 -10.49 35.33 20.20
CA ALA D 153 -11.02 34.03 20.58
C ALA D 153 -12.38 34.26 21.25
N ASN D 154 -13.25 33.24 21.18
CA ASN D 154 -14.65 33.25 21.65
C ASN D 154 -15.08 31.81 21.99
N CYS D 155 -15.39 31.51 23.23
CA CYS D 155 -15.71 30.12 23.51
C CYS D 155 -17.01 29.62 22.93
N LYS D 156 -17.82 30.50 22.37
CA LYS D 156 -19.09 30.09 21.77
C LYS D 156 -18.87 29.78 20.30
N VAL D 157 -17.93 30.45 19.67
CA VAL D 157 -17.66 30.13 18.29
C VAL D 157 -16.95 28.78 18.22
N GLU D 158 -16.15 28.49 19.22
CA GLU D 158 -15.31 27.31 19.14
C GLU D 158 -16.18 26.10 19.46
N SER D 159 -17.00 26.23 20.49
CA SER D 159 -17.95 25.22 20.90
C SER D 159 -18.98 24.97 19.82
N LEU D 160 -19.51 26.04 19.25
CA LEU D 160 -20.47 25.91 18.16
C LEU D 160 -19.84 25.20 16.99
N ALA D 161 -18.58 25.52 16.67
CA ALA D 161 -17.93 24.96 15.45
C ALA D 161 -17.70 23.47 15.66
N MET D 162 -17.30 23.10 16.87
CA MET D 162 -17.21 21.71 17.28
C MET D 162 -18.56 21.00 17.15
N PHE D 163 -19.62 21.58 17.69
CA PHE D 163 -20.93 20.93 17.66
C PHE D 163 -21.35 20.62 16.20
N LEU D 164 -21.04 21.51 15.25
CA LEU D 164 -21.47 21.31 13.86
C LEU D 164 -20.66 20.24 13.18
N GLY D 165 -19.41 20.10 13.60
CA GLY D 165 -18.49 19.12 13.05
C GLY D 165 -18.86 17.73 13.52
N GLU D 166 -19.12 17.56 14.82
CA GLU D 166 -19.75 16.35 15.31
C GLU D 166 -21.04 16.01 14.56
N LEU D 167 -21.84 17.01 14.18
CA LEU D 167 -23.05 16.71 13.42
C LEU D 167 -22.78 16.04 12.09
N SER D 168 -21.63 16.32 11.51
CA SER D 168 -21.31 15.83 10.16
C SER D 168 -20.94 14.34 10.22
N LEU D 169 -20.45 13.87 11.35
CA LEU D 169 -20.10 12.48 11.50
C LEU D 169 -21.36 11.70 11.24
N ILE D 170 -22.44 12.09 11.91
CA ILE D 170 -23.72 11.40 11.76
C ILE D 170 -24.12 10.92 10.36
N ASP D 171 -23.94 11.73 9.31
CA ASP D 171 -24.71 11.69 8.05
C ASP D 171 -23.77 11.43 6.86
N ALA D 172 -23.51 10.16 6.58
CA ALA D 172 -22.47 9.81 5.61
C ALA D 172 -22.89 10.33 4.24
N ASP D 173 -24.18 10.65 4.13
CA ASP D 173 -24.93 10.58 2.88
C ASP D 173 -24.89 11.86 2.05
N PRO D 174 -24.64 13.01 2.67
CA PRO D 174 -23.68 13.97 2.10
C PRO D 174 -22.21 13.93 2.54
N TYR D 175 -21.85 13.60 3.78
CA TYR D 175 -20.56 14.07 4.35
C TYR D 175 -19.30 13.24 4.10
N LEU D 176 -19.44 12.00 3.62
CA LEU D 176 -18.31 11.34 2.99
C LEU D 176 -17.75 11.97 1.70
N LYS D 177 -18.46 12.89 1.05
CA LYS D 177 -17.88 13.52 -0.12
C LYS D 177 -16.93 14.69 0.21
N TYR D 178 -16.84 15.08 1.48
CA TYR D 178 -15.92 16.14 1.85
C TYR D 178 -14.77 15.63 2.76
N LEU D 179 -13.58 16.20 2.56
CA LEU D 179 -12.45 15.96 3.42
C LEU D 179 -12.68 16.57 4.81
N PRO D 180 -11.96 16.15 5.84
CA PRO D 180 -12.12 16.81 7.15
C PRO D 180 -11.73 18.27 7.14
N SER D 181 -10.75 18.68 6.35
CA SER D 181 -10.28 20.08 6.36
C SER D 181 -11.38 21.03 5.86
N VAL D 182 -12.27 20.47 5.06
CA VAL D 182 -13.26 21.28 4.35
C VAL D 182 -14.51 21.39 5.22
N ILE D 183 -14.92 20.27 5.78
CA ILE D 183 -15.95 20.34 6.79
C ILE D 183 -15.54 21.29 7.89
N ALA D 184 -14.36 21.10 8.44
CA ALA D 184 -13.89 22.11 9.39
C ALA D 184 -13.97 23.58 8.87
N GLY D 185 -13.71 23.81 7.58
CA GLY D 185 -13.83 25.12 6.98
C GLY D 185 -15.25 25.67 7.10
N ALA D 186 -16.19 24.95 6.54
CA ALA D 186 -17.60 25.19 6.77
C ALA D 186 -17.96 25.37 8.22
N ALA D 187 -17.56 24.44 9.07
CA ALA D 187 -18.08 24.48 10.44
C ALA D 187 -17.64 25.81 11.00
N PHE D 188 -16.42 26.22 10.66
CA PHE D 188 -15.79 27.28 11.40
C PHE D 188 -16.51 28.55 10.94
N HIS D 189 -16.52 28.74 9.63
CA HIS D 189 -17.23 29.87 9.07
C HIS D 189 -18.65 30.01 9.63
N LEU D 190 -19.46 28.96 9.54
CA LEU D 190 -20.83 28.99 10.03
C LEU D 190 -20.95 29.25 11.53
N ALA D 191 -19.90 29.00 12.30
CA ALA D 191 -20.01 29.25 13.74
C ALA D 191 -19.63 30.70 14.02
N LEU D 192 -18.78 31.23 13.16
CA LEU D 192 -18.27 32.61 13.21
C LEU D 192 -19.44 33.50 12.85
N TYR D 193 -20.13 33.13 11.76
CA TYR D 193 -21.22 33.95 11.26
C TYR D 193 -22.44 33.97 12.19
N THR D 194 -22.71 32.85 12.83
CA THR D 194 -23.91 32.75 13.64
C THR D 194 -23.73 33.64 14.86
N VAL D 195 -22.51 33.62 15.39
CA VAL D 195 -22.28 34.13 16.74
C VAL D 195 -21.87 35.62 16.79
N THR D 196 -20.96 35.99 15.90
CA THR D 196 -20.48 37.36 15.85
C THR D 196 -20.62 38.02 14.49
N GLY D 197 -20.94 37.26 13.45
CA GLY D 197 -21.32 37.81 12.16
C GLY D 197 -20.11 38.07 11.28
N GLN D 198 -18.96 37.60 11.73
CA GLN D 198 -17.74 37.61 10.91
C GLN D 198 -17.67 36.29 10.15
N SER D 199 -16.53 36.02 9.50
CA SER D 199 -16.48 35.18 8.31
C SER D 199 -15.10 34.55 8.14
N TRP D 200 -15.06 33.37 7.53
CA TRP D 200 -13.82 32.79 7.01
C TRP D 200 -12.80 33.90 6.77
N PRO D 201 -11.80 33.97 7.65
CA PRO D 201 -10.85 35.09 7.71
C PRO D 201 -9.78 35.01 6.64
N GLU D 202 -9.19 36.16 6.34
CA GLU D 202 -8.26 36.22 5.21
C GLU D 202 -6.98 35.43 5.44
N SER D 203 -6.56 35.33 6.71
CA SER D 203 -5.41 34.50 7.10
C SER D 203 -5.53 33.00 6.81
N LEU D 204 -6.76 32.46 6.92
CA LEU D 204 -7.02 31.05 6.65
C LEU D 204 -7.31 30.78 5.18
N ILE D 205 -7.86 31.76 4.47
CA ILE D 205 -7.93 31.69 3.00
C ILE D 205 -6.57 31.51 2.33
N ARG D 206 -5.54 32.23 2.78
CA ARG D 206 -4.20 32.04 2.24
C ARG D 206 -3.59 30.72 2.72
N LYS D 207 -3.80 30.37 4.01
CA LYS D 207 -3.12 29.24 4.66
C LYS D 207 -3.60 27.92 4.08
N THR D 208 -4.92 27.82 3.88
CA THR D 208 -5.58 26.62 3.38
C THR D 208 -5.73 26.62 1.87
N GLY D 209 -5.75 27.81 1.28
CA GLY D 209 -6.02 27.96 -0.14
C GLY D 209 -7.48 27.75 -0.53
N TYR D 210 -8.37 27.70 0.47
CA TYR D 210 -9.84 27.66 0.34
C TYR D 210 -10.53 29.03 0.42
N THR D 211 -10.99 29.52 -0.73
CA THR D 211 -11.92 30.66 -0.82
C THR D 211 -13.23 30.34 -0.14
N LEU D 212 -13.91 31.34 0.40
CA LEU D 212 -15.23 31.12 1.00
C LEU D 212 -16.18 30.49 -0.02
N GLU D 213 -15.90 30.80 -1.28
CA GLU D 213 -16.72 30.36 -2.41
C GLU D 213 -16.44 28.86 -2.64
N SER D 214 -15.17 28.47 -2.50
CA SER D 214 -14.86 27.04 -2.56
C SER D 214 -15.52 26.30 -1.41
N LEU D 215 -15.74 26.97 -0.29
CA LEU D 215 -16.48 26.31 0.78
C LEU D 215 -17.98 26.08 0.59
N LYS D 216 -18.62 26.69 -0.40
CA LYS D 216 -20.07 26.93 -0.34
C LYS D 216 -20.94 25.66 -0.40
N PRO D 217 -20.62 24.73 -1.30
CA PRO D 217 -21.34 23.45 -1.38
C PRO D 217 -21.43 22.81 -0.01
N CYS D 218 -20.31 22.78 0.69
CA CYS D 218 -20.28 22.11 1.98
C CYS D 218 -21.03 22.91 3.05
N LEU D 219 -20.79 24.21 3.05
CA LEU D 219 -21.54 25.13 3.86
C LEU D 219 -23.07 24.99 3.64
N MET D 220 -23.50 24.89 2.38
CA MET D 220 -24.93 24.66 2.13
C MET D 220 -25.42 23.49 2.96
N ASP D 221 -24.74 22.35 2.83
CA ASP D 221 -25.22 21.05 3.27
C ASP D 221 -25.28 21.12 4.78
N LEU D 222 -24.31 21.84 5.31
CA LEU D 222 -24.05 21.91 6.74
C LEU D 222 -25.06 22.81 7.46
N HIS D 223 -25.42 23.88 6.79
CA HIS D 223 -26.43 24.77 7.35
C HIS D 223 -27.78 24.07 7.48
N GLN D 224 -28.24 23.43 6.42
CA GLN D 224 -29.40 22.53 6.47
C GLN D 224 -29.37 21.62 7.68
N THR D 225 -28.33 20.81 7.75
CA THR D 225 -28.17 20.00 8.94
C THR D 225 -28.44 20.83 10.21
N TYR D 226 -27.82 22.00 10.31
CA TYR D 226 -27.97 22.88 11.45
C TYR D 226 -29.45 23.29 11.61
N LEU D 227 -30.09 23.67 10.50
CA LEU D 227 -31.54 23.87 10.53
C LEU D 227 -32.33 22.67 10.99
N LYS D 228 -32.01 21.47 10.48
CA LYS D 228 -32.82 20.27 10.70
C LYS D 228 -32.55 19.51 12.02
N ALA D 229 -31.48 19.87 12.72
CA ALA D 229 -31.03 19.16 13.90
C ALA D 229 -32.06 18.91 15.02
N PRO D 230 -32.82 19.93 15.43
CA PRO D 230 -33.89 19.74 16.43
C PRO D 230 -34.89 18.62 16.09
N GLN D 231 -35.07 18.33 14.80
CA GLN D 231 -35.90 17.21 14.32
C GLN D 231 -35.17 15.87 14.13
N HIS D 232 -33.91 15.87 13.68
CA HIS D 232 -33.20 14.64 13.26
C HIS D 232 -33.54 13.53 14.25
N ALA D 233 -33.62 12.30 13.75
CA ALA D 233 -33.90 11.10 14.56
C ALA D 233 -32.82 10.77 15.62
N GLN D 234 -31.59 11.16 15.35
CA GLN D 234 -30.51 11.07 16.31
C GLN D 234 -30.31 12.41 17.05
N GLN D 235 -30.05 12.34 18.33
CA GLN D 235 -30.19 13.53 19.16
C GLN D 235 -29.10 13.58 20.24
N SER D 236 -28.17 12.65 20.18
CA SER D 236 -27.32 12.42 21.33
C SER D 236 -26.43 13.66 21.46
N ILE D 237 -26.26 14.35 20.33
CA ILE D 237 -25.18 15.27 20.19
C ILE D 237 -25.69 16.65 20.66
N ARG D 238 -26.88 16.99 20.17
CA ARG D 238 -27.60 18.12 20.74
C ARG D 238 -27.70 17.96 22.27
N GLU D 239 -28.25 16.86 22.77
CA GLU D 239 -28.17 16.64 24.22
C GLU D 239 -26.82 17.01 24.84
N LYS D 240 -25.73 16.50 24.31
CA LYS D 240 -24.41 16.70 24.95
C LYS D 240 -23.96 18.18 24.87
N TYR D 241 -24.46 18.88 23.85
CA TYR D 241 -24.06 20.25 23.64
C TYR D 241 -24.99 21.31 24.31
N LYS D 242 -25.97 20.85 25.08
CA LYS D 242 -26.72 21.67 26.06
C LYS D 242 -25.92 21.99 27.31
N ASN D 243 -24.97 21.13 27.67
CA ASN D 243 -24.20 21.28 28.88
C ASN D 243 -23.63 22.68 28.94
N SER D 244 -23.46 23.19 30.16
CA SER D 244 -22.64 24.39 30.38
C SER D 244 -21.19 24.15 30.02
N LYS D 245 -20.70 22.92 30.19
CA LYS D 245 -19.32 22.60 29.76
C LYS D 245 -19.03 23.15 28.34
N TYR D 246 -20.06 23.25 27.49
CA TYR D 246 -19.92 23.70 26.10
C TYR D 246 -20.88 24.87 25.93
N HIS D 247 -21.11 25.64 26.99
CA HIS D 247 -21.71 26.96 26.86
C HIS D 247 -23.06 26.89 26.17
N GLY D 248 -23.73 25.74 26.30
CA GLY D 248 -25.03 25.49 25.67
C GLY D 248 -25.26 25.95 24.23
N VAL D 249 -24.22 25.87 23.41
CA VAL D 249 -24.35 26.23 22.00
C VAL D 249 -25.44 25.50 21.19
N SER D 250 -25.98 24.39 21.70
CA SER D 250 -26.95 23.59 20.95
C SER D 250 -28.33 24.17 21.05
N LEU D 251 -28.58 24.96 22.09
CA LEU D 251 -29.82 25.73 22.24
C LEU D 251 -29.84 27.06 21.52
N LEU D 252 -28.71 27.61 21.08
CA LEU D 252 -28.70 28.73 20.14
C LEU D 252 -29.58 28.48 18.91
N ASN D 253 -29.65 29.47 18.03
CA ASN D 253 -30.63 29.54 16.92
C ASN D 253 -29.87 29.58 15.60
N PRO D 254 -30.04 28.62 14.72
CA PRO D 254 -29.38 28.76 13.41
C PRO D 254 -29.68 30.18 12.94
N PRO D 255 -28.84 30.74 12.06
CA PRO D 255 -29.29 31.77 11.12
C PRO D 255 -30.25 31.11 10.18
N GLU D 256 -31.18 31.86 9.62
CA GLU D 256 -32.09 31.28 8.64
C GLU D 256 -31.51 31.40 7.24
N THR D 257 -30.56 32.28 7.03
CA THR D 257 -29.83 32.25 5.77
C THR D 257 -28.40 32.73 6.00
N LEU D 258 -27.62 32.69 4.92
CA LEU D 258 -26.16 32.60 5.03
C LEU D 258 -25.55 33.81 4.36
N ASN D 259 -26.19 34.25 3.28
CA ASN D 259 -25.76 35.44 2.57
C ASN D 259 -24.63 35.27 1.56
N LEU D 260 -24.53 34.13 0.92
CA LEU D 260 -23.47 34.02 -0.08
C LEU D 260 -23.96 34.36 -1.50
C ACE E 1 27.85 -23.41 -11.30
O ACE E 1 27.09 -24.25 -11.76
CH3 ACE E 1 29.30 -23.74 -11.03
N ARG E 2 27.40 -22.22 -10.92
CA ARG E 2 28.25 -21.13 -10.50
C ARG E 2 27.82 -20.49 -9.21
N LYS E 3 28.75 -20.50 -8.30
CA LYS E 3 28.48 -19.89 -7.03
C LYS E 3 29.19 -18.55 -7.11
N LEU E 4 28.46 -17.49 -6.81
CA LEU E 4 28.99 -16.12 -6.80
C LEU E 4 29.31 -15.70 -5.35
N PHE E 5 30.28 -14.81 -5.17
CA PHE E 5 30.61 -14.27 -3.84
C PHE E 5 31.34 -15.14 -2.81
N GLY E 6 30.69 -16.15 -2.22
CA GLY E 6 31.45 -16.89 -1.22
C GLY E 6 31.26 -18.38 -1.37
C ACE F 1 -27.41 -1.26 27.23
O ACE F 1 -26.45 -1.24 27.99
CH3 ACE F 1 -28.84 -1.33 27.79
N ARG F 2 -27.18 -1.27 25.92
CA ARG F 2 -28.12 -1.27 24.81
C ARG F 2 -27.52 -2.07 23.64
N LYS F 3 -28.35 -2.77 22.87
CA LYS F 3 -27.99 -3.55 21.68
C LYS F 3 -28.78 -2.89 20.58
N LEU F 4 -28.15 -2.70 19.44
CA LEU F 4 -28.79 -2.07 18.27
C LEU F 4 -29.04 -3.13 17.20
N PHE F 5 -29.87 -2.74 16.24
CA PHE F 5 -30.15 -3.62 15.10
C PHE F 5 -30.81 -4.98 15.40
N GLY F 6 -31.46 -5.14 16.54
CA GLY F 6 -32.09 -6.43 16.78
C GLY F 6 -31.43 -7.21 17.89
#